data_8PLO
#
_entry.id   8PLO
#
_cell.length_a   62.140
_cell.length_b   103.560
_cell.length_c   134.420
_cell.angle_alpha   90.000
_cell.angle_beta   91.820
_cell.angle_gamma   90.000
#
_symmetry.space_group_name_H-M   'P 1 21 1'
#
loop_
_entity.id
_entity.type
_entity.pdbx_description
1 polymer 'Thioredoxin glutathione reductase'
2 non-polymer 'FLAVIN-ADENINE DINUCLEOTIDE'
3 non-polymer 2-(4-methylphenyl)-N-{[(2S)-oxolan-2-yl]methyl}acetamide
4 water water
#
_entity_poly.entity_id   1
_entity_poly.type   'polypeptide(L)'
_entity_poly.pdbx_seq_one_letter_code
;GPPPADGTSQWLRKTVDSAAVILFSKTTCPYCKKVKDVLAEAKIKHATIELDQLSNGSAIQKCLASFSKIETVPQMFVRG
KFIGDSQTVLKYYSNDELAGIVNESKYDYDLIVIGGGSGGLAAGKEAAKYGAKTAVLDYVEPTPIGTTWGLGGTCVNVGC
IPKKLMHQAGLLSHALEDAEHFGWSLDRSKISHNWSTMVEGVQSHIGSLNWGYKVALRDNQVTYLNAKGRLISPHEVQIT
DKNQKVSTITGNKIILATGERPKYPEIPGAVEYGITSDDLFSLPYFPGKTLVIGASYVALECAGFLASLGGDVTVMVRSI
LLRGFDQQMAEKVGDYMENHGVKFAKLCVPDEIKQLKVVDTENNKPGLLLVKGHYTDGKKFEEEFETVIFAVGREPQLSK
VLCETVGVKLDKNGRVVCTDDEQTTVSNVYAIGDINAGKPQLTPVAIQAGRYLARRLFAGATELTDYSNVATTVFTPLEY
GACGLSEEDAIEKYGDKDIEVYHSNFKPLEWTVAHREDNVCYMKLVCRKSDNMRVLGLHVLGPNAGEITQGYAVAIKMGA
TKADFDRTIGIHPTCSETFTTLHVTKKSGVSPIVSGC
;
_entity_poly.pdbx_strand_id   A,B
#
# COMPACT_ATOMS: atom_id res chain seq x y z
N GLY A 7 6.69 -32.08 27.68
CA GLY A 7 6.41 -31.20 26.56
C GLY A 7 4.93 -31.21 26.20
N THR A 8 4.50 -32.28 25.54
CA THR A 8 3.07 -32.48 25.30
C THR A 8 2.29 -32.58 26.60
N SER A 9 2.81 -33.33 27.57
CA SER A 9 2.09 -33.50 28.83
C SER A 9 2.01 -32.19 29.61
N GLN A 10 3.04 -31.33 29.53
CA GLN A 10 2.95 -30.03 30.18
C GLN A 10 1.96 -29.11 29.48
N TRP A 11 1.85 -29.21 28.15
CA TRP A 11 0.84 -28.43 27.43
C TRP A 11 -0.57 -28.89 27.81
N LEU A 12 -0.77 -30.21 27.87
CA LEU A 12 -2.10 -30.73 28.13
C LEU A 12 -2.57 -30.30 29.51
N ARG A 13 -1.68 -30.34 30.50
CA ARG A 13 -2.09 -29.97 31.86
C ARG A 13 -2.41 -28.48 31.97
N LYS A 14 -1.62 -27.64 31.29
CA LYS A 14 -1.94 -26.21 31.31
C LYS A 14 -3.27 -25.93 30.63
N THR A 15 -3.55 -26.62 29.52
CA THR A 15 -4.80 -26.40 28.77
C THR A 15 -6.01 -26.85 29.59
N VAL A 16 -5.92 -28.04 30.21
CA VAL A 16 -7.06 -28.53 30.97
C VAL A 16 -7.31 -27.67 32.21
N ASP A 17 -6.23 -27.20 32.85
CA ASP A 17 -6.38 -26.44 34.09
C ASP A 17 -7.11 -25.12 33.87
N SER A 18 -6.87 -24.45 32.74
CA SER A 18 -7.41 -23.11 32.55
C SER A 18 -8.60 -23.00 31.60
N ALA A 19 -8.84 -23.98 30.74
CA ALA A 19 -10.05 -23.92 29.91
C ALA A 19 -11.30 -23.93 30.78
N ALA A 20 -12.30 -23.15 30.37
CA ALA A 20 -13.57 -23.14 31.11
C ALA A 20 -14.40 -24.37 30.78
N VAL A 21 -14.63 -24.61 29.49
CA VAL A 21 -15.35 -25.79 29.01
C VAL A 21 -14.65 -26.23 27.73
N ILE A 22 -14.15 -27.47 27.69
CA ILE A 22 -13.39 -27.92 26.53
C ILE A 22 -13.71 -29.38 26.22
N LEU A 23 -13.82 -29.68 24.93
CA LEU A 23 -14.14 -31.01 24.44
C LEU A 23 -12.98 -31.50 23.58
N PHE A 24 -12.47 -32.69 23.91
CA PHE A 24 -11.47 -33.34 23.06
C PHE A 24 -12.20 -34.31 22.15
N SER A 25 -11.88 -34.27 20.86
CA SER A 25 -12.74 -34.82 19.82
C SER A 25 -11.91 -35.30 18.63
N LYS A 26 -12.59 -35.99 17.71
CA LYS A 26 -12.08 -36.26 16.37
C LYS A 26 -13.19 -36.00 15.36
N THR A 27 -12.79 -35.50 14.17
CA THR A 27 -13.79 -35.01 13.21
C THR A 27 -14.67 -36.14 12.68
N THR A 28 -14.17 -37.37 12.66
CA THR A 28 -14.87 -38.51 12.09
C THR A 28 -15.67 -39.32 13.11
N CYS A 29 -15.58 -38.98 14.40
CA CYS A 29 -16.20 -39.73 15.48
C CYS A 29 -17.67 -39.33 15.65
N PRO A 30 -18.62 -40.23 15.36
CA PRO A 30 -20.03 -39.88 15.53
C PRO A 30 -20.46 -39.75 16.99
N TYR A 31 -19.76 -40.40 17.92
CA TYR A 31 -20.05 -40.13 19.34
C TYR A 31 -19.67 -38.71 19.72
N CYS A 32 -18.63 -38.16 19.09
CA CYS A 32 -18.27 -36.77 19.34
C CYS A 32 -19.30 -35.82 18.74
N LYS A 33 -19.80 -36.13 17.55
CA LYS A 33 -20.86 -35.30 16.95
C LYS A 33 -22.09 -35.26 17.84
N LYS A 34 -22.41 -36.38 18.50
CA LYS A 34 -23.57 -36.44 19.39
C LYS A 34 -23.39 -35.54 20.60
N VAL A 35 -22.17 -35.46 21.13
CA VAL A 35 -21.95 -34.58 22.27
C VAL A 35 -21.95 -33.12 21.82
N LYS A 36 -21.40 -32.83 20.64
CA LYS A 36 -21.42 -31.47 20.12
C LYS A 36 -22.84 -30.96 19.95
N ASP A 37 -23.74 -31.82 19.43
CA ASP A 37 -25.11 -31.41 19.18
C ASP A 37 -25.87 -31.17 20.48
N VAL A 38 -25.59 -31.98 21.51
CA VAL A 38 -26.25 -31.76 22.80
C VAL A 38 -25.80 -30.44 23.42
N LEU A 39 -24.50 -30.12 23.35
CA LEU A 39 -24.00 -28.88 23.91
C LEU A 39 -24.56 -27.66 23.17
N ALA A 40 -24.60 -27.72 21.84
CA ALA A 40 -25.20 -26.64 21.06
C ALA A 40 -26.68 -26.46 21.39
N GLU A 41 -27.41 -27.57 21.57
CA GLU A 41 -28.83 -27.44 21.87
C GLU A 41 -29.06 -26.80 23.22
N ALA A 42 -28.20 -27.09 24.20
CA ALA A 42 -28.29 -26.48 25.52
C ALA A 42 -27.63 -25.10 25.61
N LYS A 43 -27.14 -24.58 24.47
CA LYS A 43 -26.50 -23.25 24.41
C LYS A 43 -25.25 -23.18 25.32
N ILE A 44 -24.51 -24.28 25.38
CA ILE A 44 -23.28 -24.34 26.16
C ILE A 44 -22.11 -24.09 25.20
N LYS A 45 -21.45 -22.93 25.35
CA LYS A 45 -20.27 -22.63 24.54
C LYS A 45 -19.03 -23.29 25.12
N HIS A 46 -18.11 -23.68 24.23
CA HIS A 46 -16.94 -24.47 24.62
C HIS A 46 -15.86 -24.41 23.54
N ALA A 47 -14.63 -24.66 23.97
CA ALA A 47 -13.54 -24.92 23.04
C ALA A 47 -13.59 -26.38 22.57
N THR A 48 -13.00 -26.65 21.41
CA THR A 48 -12.90 -27.99 20.84
C THR A 48 -11.49 -28.19 20.30
N ILE A 49 -10.87 -29.33 20.61
CA ILE A 49 -9.60 -29.73 20.05
C ILE A 49 -9.83 -31.03 19.27
N GLU A 50 -9.62 -30.97 17.95
CA GLU A 50 -9.79 -32.15 17.10
C GLU A 50 -8.47 -32.90 17.01
N LEU A 51 -8.38 -34.04 17.71
CA LEU A 51 -7.10 -34.72 17.87
C LEU A 51 -6.55 -35.24 16.54
N ASP A 52 -7.43 -35.62 15.61
CA ASP A 52 -7.00 -36.17 14.32
C ASP A 52 -6.41 -35.11 13.39
N GLN A 53 -6.38 -33.83 13.78
CA GLN A 53 -5.81 -32.78 12.96
C GLN A 53 -4.57 -32.16 13.58
N LEU A 54 -3.98 -32.83 14.57
CA LEU A 54 -2.78 -32.34 15.23
C LEU A 54 -1.65 -33.35 15.09
N SER A 55 -0.43 -32.84 14.92
CA SER A 55 0.73 -33.68 14.66
C SER A 55 0.87 -34.80 15.69
N ASN A 56 0.80 -34.45 16.98
CA ASN A 56 0.95 -35.48 18.01
C ASN A 56 -0.39 -35.77 18.70
N GLY A 57 -1.42 -36.07 17.92
CA GLY A 57 -2.70 -36.42 18.51
C GLY A 57 -2.66 -37.69 19.34
N SER A 58 -1.88 -38.68 18.90
CA SER A 58 -1.80 -39.95 19.63
C SER A 58 -1.20 -39.76 21.01
N ALA A 59 -0.15 -38.93 21.11
CA ALA A 59 0.45 -38.63 22.40
C ALA A 59 -0.55 -37.94 23.32
N ILE A 60 -1.31 -36.97 22.79
CA ILE A 60 -2.28 -36.26 23.61
C ILE A 60 -3.36 -37.21 24.11
N GLN A 61 -3.86 -38.06 23.22
CA GLN A 61 -4.88 -39.04 23.60
C GLN A 61 -4.40 -39.91 24.76
N LYS A 62 -3.13 -40.34 24.72
CA LYS A 62 -2.57 -41.11 25.83
C LYS A 62 -2.51 -40.27 27.11
N CYS A 63 -2.03 -39.02 26.98
CA CYS A 63 -1.85 -38.18 28.16
C CYS A 63 -3.16 -37.86 28.86
N LEU A 64 -4.27 -37.85 28.12
CA LEU A 64 -5.58 -37.57 28.72
C LEU A 64 -5.90 -38.54 29.85
N ALA A 65 -5.40 -39.77 29.78
CA ALA A 65 -5.73 -40.77 30.79
C ALA A 65 -5.22 -40.38 32.17
N SER A 66 -4.20 -39.52 32.25
CA SER A 66 -3.72 -39.07 33.56
C SER A 66 -4.75 -38.23 34.28
N PHE A 67 -5.75 -37.70 33.56
CA PHE A 67 -6.82 -36.92 34.14
C PHE A 67 -8.12 -37.70 34.28
N SER A 68 -8.45 -38.53 33.28
CA SER A 68 -9.75 -39.17 33.18
C SER A 68 -9.73 -40.67 33.38
N LYS A 69 -8.56 -41.29 33.33
CA LYS A 69 -8.34 -42.74 33.37
C LYS A 69 -8.86 -43.42 32.11
N ILE A 70 -9.22 -42.68 31.06
CA ILE A 70 -9.57 -43.27 29.78
C ILE A 70 -8.76 -42.62 28.67
N GLU A 71 -8.71 -43.30 27.51
CA GLU A 71 -7.91 -42.88 26.37
C GLU A 71 -8.72 -42.80 25.09
N THR A 72 -10.04 -42.70 25.19
CA THR A 72 -10.90 -42.57 24.01
C THR A 72 -11.41 -41.14 23.88
N VAL A 73 -12.05 -40.86 22.75
CA VAL A 73 -12.75 -39.59 22.53
C VAL A 73 -14.24 -39.91 22.37
N PRO A 74 -15.15 -38.99 22.77
CA PRO A 74 -14.93 -37.66 23.32
C PRO A 74 -14.60 -37.67 24.80
N GLN A 75 -13.92 -36.62 25.28
CA GLN A 75 -13.75 -36.36 26.70
C GLN A 75 -14.07 -34.89 26.93
N MET A 76 -14.92 -34.62 27.91
CA MET A 76 -15.34 -33.25 28.20
C MET A 76 -14.86 -32.83 29.59
N PHE A 77 -14.28 -31.63 29.68
CA PHE A 77 -13.76 -31.09 30.92
C PHE A 77 -14.43 -29.75 31.22
N VAL A 78 -14.59 -29.44 32.52
CA VAL A 78 -15.09 -28.15 32.98
C VAL A 78 -14.14 -27.67 34.07
N ARG A 79 -13.47 -26.54 33.82
CA ARG A 79 -12.63 -25.87 34.79
C ARG A 79 -11.69 -26.86 35.49
N GLY A 80 -11.02 -27.68 34.69
CA GLY A 80 -9.99 -28.58 35.17
C GLY A 80 -10.44 -29.95 35.63
N LYS A 81 -11.75 -30.24 35.57
CA LYS A 81 -12.34 -31.47 36.07
C LYS A 81 -12.92 -32.29 34.92
N PHE A 82 -12.57 -33.57 34.86
CA PHE A 82 -13.16 -34.49 33.88
C PHE A 82 -14.63 -34.72 34.21
N ILE A 83 -15.49 -34.48 33.23
CA ILE A 83 -16.94 -34.61 33.41
C ILE A 83 -17.44 -35.96 32.90
N GLY A 84 -17.05 -36.36 31.70
CA GLY A 84 -17.46 -37.66 31.22
C GLY A 84 -17.18 -37.88 29.75
N ASP A 85 -17.46 -39.13 29.34
CA ASP A 85 -17.51 -39.56 27.95
C ASP A 85 -18.92 -39.37 27.39
N SER A 86 -19.23 -40.01 26.25
CA SER A 86 -20.50 -39.78 25.59
C SER A 86 -21.69 -40.24 26.45
N GLN A 87 -21.64 -41.48 26.95
CA GLN A 87 -22.77 -41.97 27.74
C GLN A 87 -23.00 -41.10 28.97
N THR A 88 -21.93 -40.60 29.59
CA THR A 88 -22.06 -39.85 30.84
C THR A 88 -22.61 -38.44 30.59
N VAL A 89 -22.14 -37.76 29.54
CA VAL A 89 -22.68 -36.42 29.27
C VAL A 89 -24.16 -36.49 28.94
N LEU A 90 -24.55 -37.49 28.12
CA LEU A 90 -25.96 -37.66 27.76
C LEU A 90 -26.81 -37.92 29.00
N LYS A 91 -26.29 -38.71 29.95
CA LYS A 91 -27.00 -38.99 31.20
C LYS A 91 -27.28 -37.71 31.98
N TYR A 92 -26.27 -36.85 32.13
CA TYR A 92 -26.47 -35.58 32.82
C TYR A 92 -27.50 -34.71 32.11
N TYR A 93 -27.46 -34.71 30.77
CA TYR A 93 -28.42 -33.93 29.98
C TYR A 93 -29.85 -34.44 30.21
N SER A 94 -30.05 -35.76 30.08
CA SER A 94 -31.38 -36.35 30.23
C SER A 94 -31.94 -36.13 31.62
N ASN A 95 -31.07 -36.02 32.63
CA ASN A 95 -31.48 -35.89 34.02
C ASN A 95 -31.52 -34.44 34.49
N ASP A 96 -31.37 -33.47 33.58
CA ASP A 96 -31.39 -32.04 33.92
C ASP A 96 -30.28 -31.65 34.88
N GLU A 97 -29.13 -32.32 34.80
CA GLU A 97 -28.01 -32.05 35.68
C GLU A 97 -26.85 -31.34 34.99
N LEU A 98 -26.87 -31.25 33.65
CA LEU A 98 -25.74 -30.73 32.91
C LEU A 98 -25.55 -29.23 33.14
N ALA A 99 -26.64 -28.45 33.07
CA ALA A 99 -26.52 -27.00 33.21
C ALA A 99 -25.83 -26.62 34.51
N GLY A 100 -26.16 -27.30 35.62
CA GLY A 100 -25.52 -26.99 36.88
C GLY A 100 -24.06 -27.38 36.94
N ILE A 101 -23.69 -28.46 36.27
CA ILE A 101 -22.31 -28.92 36.29
C ILE A 101 -21.43 -27.93 35.53
N VAL A 102 -21.86 -27.48 34.35
CA VAL A 102 -21.04 -26.59 33.54
C VAL A 102 -20.97 -25.18 34.10
N ASN A 103 -21.82 -24.83 35.05
CA ASN A 103 -21.81 -23.52 35.67
C ASN A 103 -21.12 -23.53 37.04
N GLU A 104 -20.69 -24.69 37.51
CA GLU A 104 -20.02 -24.78 38.81
C GLU A 104 -18.64 -24.13 38.74
N SER A 105 -18.40 -23.16 39.62
CA SER A 105 -17.11 -22.48 39.65
C SER A 105 -16.77 -22.00 41.05
N LYS A 106 -15.49 -22.04 41.37
CA LYS A 106 -14.97 -21.45 42.59
C LYS A 106 -15.07 -19.93 42.59
N TYR A 107 -15.16 -19.31 41.41
CA TYR A 107 -15.14 -17.86 41.24
C TYR A 107 -16.41 -17.38 40.54
N ASP A 108 -16.71 -16.07 40.67
CA ASP A 108 -17.86 -15.50 39.97
C ASP A 108 -17.68 -15.56 38.45
N TYR A 109 -16.44 -15.35 37.98
CA TYR A 109 -16.14 -15.27 36.56
C TYR A 109 -14.89 -16.07 36.23
N ASP A 110 -14.86 -16.63 35.01
CA ASP A 110 -13.62 -17.23 34.52
C ASP A 110 -12.60 -16.15 34.17
N LEU A 111 -13.06 -14.96 33.80
CA LEU A 111 -12.19 -13.88 33.37
C LEU A 111 -12.82 -12.55 33.75
N ILE A 112 -12.04 -11.68 34.38
CA ILE A 112 -12.40 -10.28 34.59
C ILE A 112 -11.41 -9.42 33.82
N VAL A 113 -11.91 -8.59 32.90
CA VAL A 113 -11.10 -7.59 32.19
C VAL A 113 -11.32 -6.23 32.83
N ILE A 114 -10.24 -5.61 33.32
CA ILE A 114 -10.33 -4.24 33.83
C ILE A 114 -9.89 -3.29 32.71
N GLY A 115 -10.86 -2.60 32.12
CA GLY A 115 -10.62 -1.66 31.03
C GLY A 115 -11.29 -2.05 29.72
N GLY A 116 -12.22 -1.22 29.25
CA GLY A 116 -13.00 -1.51 28.05
C GLY A 116 -12.57 -0.74 26.81
N GLY A 117 -11.28 -0.80 26.49
CA GLY A 117 -10.77 -0.17 25.29
C GLY A 117 -10.36 -1.15 24.21
N SER A 118 -9.38 -0.76 23.38
CA SER A 118 -8.98 -1.59 22.25
C SER A 118 -8.63 -3.01 22.67
N GLY A 119 -7.73 -3.16 23.65
CA GLY A 119 -7.27 -4.49 24.05
C GLY A 119 -8.30 -5.25 24.87
N GLY A 120 -8.91 -4.57 25.85
CA GLY A 120 -9.83 -5.24 26.76
C GLY A 120 -11.08 -5.76 26.09
N LEU A 121 -11.69 -4.95 25.20
CA LEU A 121 -12.87 -5.42 24.47
C LEU A 121 -12.54 -6.62 23.59
N ALA A 122 -11.39 -6.56 22.90
CA ALA A 122 -10.95 -7.66 22.05
C ALA A 122 -10.75 -8.93 22.85
N ALA A 123 -10.07 -8.81 23.99
CA ALA A 123 -9.81 -9.98 24.84
C ALA A 123 -11.11 -10.57 25.38
N GLY A 124 -12.02 -9.71 25.87
CA GLY A 124 -13.24 -10.22 26.49
C GLY A 124 -14.14 -10.95 25.50
N LYS A 125 -14.31 -10.38 24.31
CA LYS A 125 -15.18 -11.01 23.32
C LYS A 125 -14.60 -12.33 22.86
N GLU A 126 -13.28 -12.39 22.65
CA GLU A 126 -12.65 -13.64 22.22
C GLU A 126 -12.78 -14.73 23.28
N ALA A 127 -12.56 -14.39 24.55
CA ALA A 127 -12.66 -15.40 25.61
C ALA A 127 -14.07 -15.98 25.71
N ALA A 128 -15.09 -15.12 25.60
CA ALA A 128 -16.48 -15.58 25.69
C ALA A 128 -16.81 -16.58 24.61
N LYS A 129 -16.18 -16.50 23.45
CA LYS A 129 -16.44 -17.43 22.37
C LYS A 129 -16.12 -18.89 22.74
N TYR A 130 -15.22 -19.11 23.71
CA TYR A 130 -14.84 -20.46 24.11
C TYR A 130 -15.48 -20.90 25.43
N GLY A 131 -16.54 -20.21 25.84
CA GLY A 131 -17.29 -20.62 27.01
C GLY A 131 -16.84 -20.00 28.32
N ALA A 132 -15.85 -19.11 28.30
CA ALA A 132 -15.43 -18.47 29.53
C ALA A 132 -16.49 -17.47 29.97
N LYS A 133 -16.91 -17.55 31.22
CA LYS A 133 -17.86 -16.60 31.78
C LYS A 133 -17.09 -15.31 32.10
N THR A 134 -17.45 -14.22 31.41
CA THR A 134 -16.57 -13.05 31.29
C THR A 134 -17.25 -11.76 31.72
N ALA A 135 -16.51 -10.91 32.43
CA ALA A 135 -16.96 -9.57 32.78
C ALA A 135 -15.94 -8.55 32.25
N VAL A 136 -16.43 -7.49 31.61
CA VAL A 136 -15.59 -6.36 31.19
C VAL A 136 -16.02 -5.14 31.99
N LEU A 137 -15.07 -4.52 32.69
CA LEU A 137 -15.30 -3.28 33.44
C LEU A 137 -14.75 -2.10 32.64
N ASP A 138 -15.52 -1.01 32.56
CA ASP A 138 -15.03 0.23 31.96
C ASP A 138 -15.60 1.44 32.69
N TYR A 139 -14.72 2.41 32.96
CA TYR A 139 -15.07 3.69 33.58
C TYR A 139 -14.18 4.75 32.97
N VAL A 140 -14.72 5.93 32.69
CA VAL A 140 -13.97 7.03 32.10
C VAL A 140 -13.93 8.16 33.13
N GLU A 141 -12.80 8.33 33.82
CA GLU A 141 -12.67 9.44 34.76
C GLU A 141 -12.64 10.76 34.00
N PRO A 142 -13.48 11.73 34.36
CA PRO A 142 -13.59 12.96 33.56
C PRO A 142 -12.30 13.77 33.55
N THR A 143 -12.13 14.56 32.47
CA THR A 143 -11.02 15.50 32.37
C THR A 143 -11.22 16.64 33.39
N PRO A 144 -10.18 17.46 33.63
CA PRO A 144 -10.35 18.59 34.58
C PRO A 144 -11.50 19.53 34.26
N ILE A 145 -11.83 19.77 32.98
CA ILE A 145 -13.00 20.60 32.68
C ILE A 145 -14.29 19.80 32.63
N GLY A 146 -14.25 18.49 32.84
CA GLY A 146 -15.46 17.68 32.92
C GLY A 146 -15.80 16.79 31.72
N THR A 147 -14.95 16.73 30.70
CA THR A 147 -15.26 15.92 29.52
C THR A 147 -15.26 14.43 29.84
N THR A 148 -16.23 13.70 29.30
CA THR A 148 -16.29 12.24 29.40
C THR A 148 -16.93 11.67 28.13
N TRP A 149 -16.93 10.34 28.01
CA TRP A 149 -17.38 9.66 26.79
C TRP A 149 -17.75 8.21 27.09
N GLY A 150 -18.15 7.48 26.06
CA GLY A 150 -18.71 6.15 26.19
C GLY A 150 -17.72 5.02 25.95
N LEU A 151 -18.26 3.81 25.85
CA LEU A 151 -17.46 2.58 25.79
C LEU A 151 -16.59 2.53 24.54
N GLY A 152 -15.37 2.00 24.70
CA GLY A 152 -14.52 1.76 23.55
C GLY A 152 -13.07 2.18 23.65
N GLY A 153 -12.72 3.02 24.64
CA GLY A 153 -11.33 3.37 24.93
C GLY A 153 -10.84 4.61 24.21
N THR A 154 -9.52 4.83 24.30
CA THR A 154 -8.91 6.07 23.81
C THR A 154 -9.01 6.21 22.28
N CYS A 155 -8.70 5.16 21.53
CA CYS A 155 -8.70 5.25 20.07
C CYS A 155 -10.08 5.63 19.54
N VAL A 156 -11.11 4.92 20.00
CA VAL A 156 -12.48 5.10 19.50
C VAL A 156 -13.00 6.52 19.80
N ASN A 157 -12.77 7.02 21.02
CA ASN A 157 -13.41 8.24 21.52
C ASN A 157 -12.57 9.50 21.42
N VAL A 158 -11.26 9.40 21.66
CA VAL A 158 -10.43 10.61 21.77
C VAL A 158 -9.06 10.36 21.15
N GLY A 159 -9.01 9.50 20.12
CA GLY A 159 -7.76 9.06 19.52
C GLY A 159 -7.83 8.82 18.02
N CYS A 160 -7.43 7.63 17.56
CA CYS A 160 -7.24 7.39 16.11
C CYS A 160 -8.48 7.77 15.29
N ILE A 161 -9.68 7.46 15.79
CA ILE A 161 -10.89 7.62 14.97
C ILE A 161 -11.22 9.11 14.76
N PRO A 162 -11.45 9.91 15.82
CA PRO A 162 -11.74 11.35 15.54
C PRO A 162 -10.55 12.10 14.96
N LYS A 163 -9.32 11.76 15.33
CA LYS A 163 -8.21 12.53 14.76
C LYS A 163 -8.05 12.26 13.26
N LYS A 164 -8.32 11.03 12.79
CA LYS A 164 -8.22 10.83 11.34
C LYS A 164 -9.41 11.41 10.58
N LEU A 165 -10.58 11.48 11.21
CA LEU A 165 -11.71 12.16 10.54
C LEU A 165 -11.43 13.65 10.39
N MET A 166 -10.83 14.27 11.41
CA MET A 166 -10.51 15.70 11.36
C MET A 166 -9.38 15.94 10.36
N HIS A 167 -8.40 15.02 10.30
CA HIS A 167 -7.36 15.05 9.27
C HIS A 167 -7.99 15.02 7.88
N GLN A 168 -8.99 14.16 7.67
CA GLN A 168 -9.66 14.10 6.36
C GLN A 168 -10.37 15.42 6.04
N ALA A 169 -10.97 16.04 7.06
CA ALA A 169 -11.57 17.35 6.81
C ALA A 169 -10.51 18.33 6.33
N GLY A 170 -9.31 18.24 6.91
CA GLY A 170 -8.21 19.10 6.49
C GLY A 170 -7.74 18.79 5.08
N LEU A 171 -7.58 17.50 4.74
CA LEU A 171 -7.15 17.13 3.40
C LEU A 171 -8.13 17.63 2.36
N LEU A 172 -9.42 17.69 2.69
CA LEU A 172 -10.40 18.16 1.72
C LEU A 172 -10.19 19.62 1.33
N SER A 173 -9.54 20.44 2.16
CA SER A 173 -9.26 21.82 1.74
C SER A 173 -8.40 21.85 0.49
N HIS A 174 -7.39 20.97 0.41
CA HIS A 174 -6.53 20.95 -0.75
C HIS A 174 -7.23 20.30 -1.94
N ALA A 175 -8.15 19.36 -1.68
CA ALA A 175 -8.97 18.83 -2.76
C ALA A 175 -9.81 19.92 -3.41
N LEU A 176 -10.38 20.83 -2.61
CA LEU A 176 -11.13 21.96 -3.16
C LEU A 176 -10.24 22.85 -4.03
N GLU A 177 -9.01 23.12 -3.57
CA GLU A 177 -8.05 23.90 -4.37
C GLU A 177 -7.70 23.18 -5.66
N ASP A 178 -7.37 21.89 -5.57
CA ASP A 178 -6.97 21.12 -6.75
C ASP A 178 -8.08 21.06 -7.79
N ALA A 179 -9.34 21.02 -7.34
CA ALA A 179 -10.45 20.81 -8.26
C ALA A 179 -10.51 21.89 -9.34
N GLU A 180 -10.10 23.12 -9.04
CA GLU A 180 -10.15 24.16 -10.08
C GLU A 180 -9.19 23.85 -11.23
N HIS A 181 -7.99 23.35 -10.91
CA HIS A 181 -7.03 23.06 -11.96
C HIS A 181 -7.44 21.88 -12.83
N PHE A 182 -8.21 20.93 -12.28
CA PHE A 182 -8.73 19.82 -13.07
C PHE A 182 -10.02 20.15 -13.78
N GLY A 183 -10.49 21.41 -13.75
CA GLY A 183 -11.63 21.82 -14.57
C GLY A 183 -12.93 22.15 -13.84
N TRP A 184 -13.01 22.03 -12.51
CA TRP A 184 -14.27 22.31 -11.82
C TRP A 184 -14.43 23.80 -11.52
N SER A 185 -15.69 24.26 -11.50
CA SER A 185 -16.01 25.69 -11.53
C SER A 185 -15.97 26.40 -10.17
N LEU A 186 -15.68 25.70 -9.08
CA LEU A 186 -15.73 26.35 -7.78
C LEU A 186 -14.58 27.34 -7.59
N ASP A 187 -14.75 28.23 -6.61
CA ASP A 187 -13.74 29.23 -6.21
C ASP A 187 -13.37 28.99 -4.75
N ARG A 188 -12.21 28.35 -4.53
CA ARG A 188 -11.77 27.99 -3.18
C ARG A 188 -11.76 29.17 -2.22
N SER A 189 -11.43 30.37 -2.74
CA SER A 189 -11.29 31.56 -1.90
C SER A 189 -12.57 31.95 -1.18
N LYS A 190 -13.73 31.51 -1.67
CA LYS A 190 -15.01 31.92 -1.09
C LYS A 190 -15.64 30.83 -0.22
N ILE A 191 -14.91 29.77 0.10
CA ILE A 191 -15.42 28.67 0.89
C ILE A 191 -14.79 28.72 2.27
N SER A 192 -15.59 28.47 3.31
CA SER A 192 -15.13 28.50 4.69
C SER A 192 -15.56 27.22 5.39
N HIS A 193 -15.01 26.99 6.59
CA HIS A 193 -15.26 25.76 7.34
C HIS A 193 -16.02 26.04 8.64
N ASN A 194 -16.96 25.15 8.98
CA ASN A 194 -17.78 25.25 10.18
C ASN A 194 -17.34 24.13 11.12
N TRP A 195 -16.65 24.51 12.21
CA TRP A 195 -16.14 23.53 13.18
C TRP A 195 -17.24 22.69 13.79
N SER A 196 -18.31 23.33 14.27
CA SER A 196 -19.32 22.58 15.00
C SER A 196 -20.07 21.59 14.10
N THR A 197 -20.26 21.92 12.82
CA THR A 197 -20.84 20.93 11.92
C THR A 197 -19.95 19.71 11.78
N MET A 198 -18.64 19.91 11.67
CA MET A 198 -17.72 18.77 11.62
C MET A 198 -17.77 17.96 12.91
N VAL A 199 -17.67 18.64 14.07
CA VAL A 199 -17.70 17.92 15.35
C VAL A 199 -18.98 17.10 15.49
N GLU A 200 -20.12 17.65 15.06
CA GLU A 200 -21.37 16.88 15.19
C GLU A 200 -21.32 15.60 14.37
N GLY A 201 -20.75 15.65 13.17
CA GLY A 201 -20.66 14.44 12.36
C GLY A 201 -19.69 13.42 12.93
N VAL A 202 -18.56 13.90 13.44
CA VAL A 202 -17.58 13.00 14.07
C VAL A 202 -18.19 12.33 15.28
N GLN A 203 -18.91 13.09 16.12
CA GLN A 203 -19.45 12.53 17.35
C GLN A 203 -20.61 11.58 17.07
N SER A 204 -21.35 11.80 15.98
CA SER A 204 -22.39 10.85 15.60
C SER A 204 -21.79 9.49 15.24
N HIS A 205 -20.66 9.50 14.53
CA HIS A 205 -19.98 8.24 14.25
C HIS A 205 -19.46 7.59 15.53
N ILE A 206 -18.81 8.35 16.41
CA ILE A 206 -18.33 7.77 17.67
C ILE A 206 -19.48 7.18 18.48
N GLY A 207 -20.64 7.85 18.53
CA GLY A 207 -21.80 7.29 19.21
C GLY A 207 -22.23 5.95 18.64
N SER A 208 -22.16 5.79 17.32
CA SER A 208 -22.51 4.50 16.72
C SER A 208 -21.52 3.42 17.15
N LEU A 209 -20.27 3.79 17.38
CA LEU A 209 -19.29 2.81 17.85
C LEU A 209 -19.55 2.45 19.32
N ASN A 210 -19.85 3.44 20.17
CA ASN A 210 -20.17 3.17 21.58
C ASN A 210 -21.32 2.16 21.66
N TRP A 211 -22.37 2.41 20.88
CA TRP A 211 -23.55 1.54 20.88
C TRP A 211 -23.22 0.15 20.35
N GLY A 212 -22.44 0.11 19.27
CA GLY A 212 -22.06 -1.16 18.66
C GLY A 212 -21.25 -2.05 19.59
N TYR A 213 -20.42 -1.47 20.46
CA TYR A 213 -19.70 -2.30 21.42
C TYR A 213 -20.62 -2.85 22.50
N LYS A 214 -21.56 -2.05 23.01
CA LYS A 214 -22.50 -2.60 23.99
C LYS A 214 -23.34 -3.71 23.38
N VAL A 215 -23.73 -3.57 22.11
CA VAL A 215 -24.50 -4.63 21.45
C VAL A 215 -23.65 -5.88 21.28
N ALA A 216 -22.37 -5.71 20.94
CA ALA A 216 -21.49 -6.85 20.75
C ALA A 216 -21.29 -7.63 22.06
N LEU A 217 -21.11 -6.93 23.18
CA LEU A 217 -20.93 -7.64 24.45
C LEU A 217 -22.21 -8.37 24.84
N ARG A 218 -23.37 -7.73 24.70
CA ARG A 218 -24.65 -8.42 24.94
C ARG A 218 -24.76 -9.70 24.11
N ASP A 219 -24.45 -9.62 22.82
CA ASP A 219 -24.62 -10.78 21.94
C ASP A 219 -23.57 -11.88 22.17
N ASN A 220 -22.48 -11.58 22.85
CA ASN A 220 -21.53 -12.60 23.26
C ASN A 220 -21.71 -13.06 24.70
N GLN A 221 -22.78 -12.61 25.39
CA GLN A 221 -23.07 -12.99 26.77
C GLN A 221 -21.96 -12.55 27.73
N VAL A 222 -21.30 -11.43 27.43
CA VAL A 222 -20.33 -10.80 28.32
C VAL A 222 -21.05 -9.82 29.23
N THR A 223 -20.74 -9.85 30.52
CA THR A 223 -21.32 -8.88 31.46
C THR A 223 -20.55 -7.57 31.36
N TYR A 224 -21.23 -6.48 30.99
CA TYR A 224 -20.61 -5.15 30.95
C TYR A 224 -20.98 -4.38 32.21
N LEU A 225 -19.97 -4.00 33.00
CA LEU A 225 -20.15 -3.15 34.18
C LEU A 225 -19.49 -1.81 33.95
N ASN A 226 -20.30 -0.73 33.91
CA ASN A 226 -19.77 0.64 33.85
C ASN A 226 -19.38 1.07 35.27
N ALA A 227 -18.23 0.56 35.71
CA ALA A 227 -17.76 0.72 37.08
C ALA A 227 -16.24 0.77 37.10
N LYS A 228 -15.69 1.47 38.09
CA LYS A 228 -14.24 1.54 38.31
C LYS A 228 -13.75 0.34 39.10
N GLY A 229 -12.75 -0.38 38.57
CA GLY A 229 -12.21 -1.58 39.19
C GLY A 229 -10.86 -1.39 39.84
N ARG A 230 -10.61 -2.14 40.90
CA ARG A 230 -9.34 -2.12 41.62
C ARG A 230 -9.00 -3.55 42.04
N LEU A 231 -7.83 -4.03 41.64
CA LEU A 231 -7.39 -5.38 42.02
C LEU A 231 -6.85 -5.33 43.44
N ILE A 232 -7.51 -6.01 44.38
CA ILE A 232 -7.14 -5.96 45.78
C ILE A 232 -6.47 -7.24 46.27
N SER A 233 -6.58 -8.34 45.54
CA SER A 233 -5.80 -9.55 45.73
C SER A 233 -5.82 -10.30 44.41
N PRO A 234 -5.05 -11.40 44.27
CA PRO A 234 -4.96 -12.05 42.95
C PRO A 234 -6.29 -12.35 42.26
N HIS A 235 -7.32 -12.76 43.00
CA HIS A 235 -8.59 -13.14 42.41
C HIS A 235 -9.75 -12.21 42.76
N GLU A 236 -9.52 -11.11 43.48
CA GLU A 236 -10.59 -10.25 43.98
C GLU A 236 -10.52 -8.85 43.38
N VAL A 237 -11.63 -8.39 42.78
CA VAL A 237 -11.69 -7.08 42.15
C VAL A 237 -12.77 -6.26 42.85
N GLN A 238 -12.36 -5.16 43.47
CA GLN A 238 -13.29 -4.20 44.07
C GLN A 238 -13.83 -3.27 43.00
N ILE A 239 -15.16 -3.15 42.91
CA ILE A 239 -15.81 -2.28 41.93
C ILE A 239 -16.58 -1.18 42.65
N THR A 240 -16.61 0.00 42.01
CA THR A 240 -17.34 1.15 42.53
C THR A 240 -18.32 1.64 41.49
N ASP A 241 -19.56 1.83 41.92
CA ASP A 241 -20.77 2.09 41.15
C ASP A 241 -20.83 3.52 40.63
N LYS A 242 -21.79 3.75 39.71
CA LYS A 242 -22.15 5.13 39.36
C LYS A 242 -22.88 5.83 40.49
N ASN A 243 -23.34 5.09 41.49
CA ASN A 243 -23.94 5.63 42.71
C ASN A 243 -23.00 5.53 43.89
N GLN A 244 -21.75 5.14 43.66
CA GLN A 244 -20.68 5.01 44.65
C GLN A 244 -20.85 3.78 45.54
N LYS A 245 -21.67 2.81 45.12
CA LYS A 245 -21.78 1.55 45.84
C LYS A 245 -20.54 0.69 45.56
N VAL A 246 -19.94 0.17 46.62
CA VAL A 246 -18.70 -0.60 46.52
C VAL A 246 -18.99 -2.06 46.83
N SER A 247 -18.45 -2.96 46.01
CA SER A 247 -18.62 -4.39 46.19
C SER A 247 -17.42 -5.12 45.60
N THR A 248 -17.36 -6.44 45.80
CA THR A 248 -16.23 -7.25 45.39
C THR A 248 -16.72 -8.39 44.51
N ILE A 249 -16.06 -8.60 43.36
CA ILE A 249 -16.31 -9.76 42.50
C ILE A 249 -15.00 -10.53 42.37
N THR A 250 -15.11 -11.84 42.11
CA THR A 250 -13.95 -12.71 42.02
C THR A 250 -13.85 -13.32 40.62
N GLY A 251 -12.63 -13.54 40.17
CA GLY A 251 -12.41 -14.17 38.88
C GLY A 251 -11.18 -15.05 38.91
N ASN A 252 -11.19 -16.07 38.04
CA ASN A 252 -10.04 -16.97 37.94
C ASN A 252 -8.85 -16.24 37.32
N LYS A 253 -8.98 -15.83 36.05
CA LYS A 253 -7.96 -15.07 35.35
C LYS A 253 -8.34 -13.58 35.33
N ILE A 254 -7.32 -12.71 35.40
CA ILE A 254 -7.49 -11.25 35.40
C ILE A 254 -6.66 -10.68 34.24
N ILE A 255 -7.28 -9.85 33.41
CA ILE A 255 -6.56 -9.09 32.39
C ILE A 255 -6.66 -7.60 32.73
N LEU A 256 -5.50 -6.96 32.95
CA LEU A 256 -5.39 -5.53 33.14
C LEU A 256 -5.24 -4.84 31.78
N ALA A 257 -6.12 -3.89 31.48
CA ALA A 257 -6.16 -3.27 30.15
C ALA A 257 -6.64 -1.82 30.26
N THR A 258 -6.09 -1.06 31.19
CA THR A 258 -6.62 0.24 31.59
C THR A 258 -6.02 1.44 30.86
N GLY A 259 -5.05 1.25 29.98
CA GLY A 259 -4.51 2.36 29.17
C GLY A 259 -3.85 3.51 29.96
N GLU A 260 -3.82 4.67 29.31
CA GLU A 260 -3.09 5.86 29.76
C GLU A 260 -3.99 7.09 29.61
N ARG A 261 -3.57 8.22 30.18
CA ARG A 261 -4.24 9.49 30.00
C ARG A 261 -3.19 10.57 29.81
N PRO A 262 -3.58 11.74 29.31
CA PRO A 262 -2.57 12.78 29.01
C PRO A 262 -1.93 13.36 30.27
N LYS A 263 -0.66 13.75 30.14
CA LYS A 263 0.07 14.50 31.15
C LYS A 263 -0.13 16.01 31.03
N TYR A 264 -0.01 16.72 32.17
CA TYR A 264 0.12 18.16 32.17
C TYR A 264 1.47 18.57 32.73
N PRO A 265 2.04 19.68 32.28
CA PRO A 265 3.26 20.20 32.93
C PRO A 265 2.91 20.85 34.26
N GLU A 266 3.86 20.82 35.20
CA GLU A 266 3.61 21.44 36.51
C GLU A 266 3.98 22.92 36.47
N ILE A 267 3.09 23.69 35.82
CA ILE A 267 3.22 25.14 35.77
C ILE A 267 1.89 25.78 36.15
N PRO A 268 1.89 27.00 36.67
CA PRO A 268 0.63 27.68 37.05
C PRO A 268 -0.26 27.89 35.84
N GLY A 269 -1.55 27.58 36.00
CA GLY A 269 -2.54 27.83 34.96
C GLY A 269 -2.77 26.68 33.98
N ALA A 270 -1.90 25.66 33.97
CA ALA A 270 -2.03 24.62 32.95
C ALA A 270 -3.32 23.82 33.09
N VAL A 271 -3.59 23.27 34.28
CA VAL A 271 -4.79 22.47 34.48
C VAL A 271 -6.04 23.34 34.42
N GLU A 272 -5.95 24.56 34.97
CA GLU A 272 -7.11 25.43 35.04
C GLU A 272 -7.53 25.97 33.67
N TYR A 273 -6.57 26.33 32.80
CA TYR A 273 -6.92 27.11 31.63
C TYR A 273 -6.60 26.46 30.29
N GLY A 274 -5.76 25.42 30.24
CA GLY A 274 -5.48 24.70 29.01
C GLY A 274 -6.36 23.47 28.87
N ILE A 275 -6.23 22.79 27.71
CA ILE A 275 -6.95 21.54 27.43
C ILE A 275 -5.95 20.52 26.87
N THR A 276 -6.44 19.30 26.66
CA THR A 276 -5.66 18.26 25.97
C THR A 276 -6.49 17.67 24.83
N SER A 277 -5.89 16.69 24.15
CA SER A 277 -6.61 15.96 23.11
C SER A 277 -7.89 15.33 23.65
N ASP A 278 -7.94 14.98 24.94
CA ASP A 278 -9.17 14.41 25.50
C ASP A 278 -10.35 15.37 25.32
N ASP A 279 -10.10 16.68 25.39
CA ASP A 279 -11.16 17.66 25.26
C ASP A 279 -11.37 18.12 23.83
N LEU A 280 -10.35 18.02 22.97
CA LEU A 280 -10.41 18.67 21.67
C LEU A 280 -11.49 18.07 20.77
N PHE A 281 -11.64 16.74 20.77
CA PHE A 281 -12.45 16.11 19.73
C PHE A 281 -13.95 16.27 19.95
N SER A 282 -14.40 16.78 21.10
CA SER A 282 -15.80 17.13 21.31
C SER A 282 -16.00 18.61 21.64
N LEU A 283 -15.02 19.47 21.40
CA LEU A 283 -15.11 20.84 21.89
C LEU A 283 -16.27 21.56 21.20
N PRO A 284 -17.13 22.26 21.95
CA PRO A 284 -18.33 22.86 21.32
C PRO A 284 -18.09 24.11 20.49
N TYR A 285 -16.94 24.79 20.66
CA TYR A 285 -16.56 25.98 19.89
C TYR A 285 -15.23 25.72 19.19
N PHE A 286 -14.99 26.47 18.10
CA PHE A 286 -13.71 26.39 17.39
C PHE A 286 -12.62 26.94 18.31
N PRO A 287 -11.48 26.25 18.43
CA PRO A 287 -10.43 26.71 19.35
C PRO A 287 -9.94 28.13 19.10
N GLY A 288 -10.07 28.66 17.87
CA GLY A 288 -9.51 29.96 17.51
C GLY A 288 -8.00 29.93 17.42
N LYS A 289 -7.37 31.09 17.68
CA LYS A 289 -5.91 31.15 17.68
C LYS A 289 -5.35 30.27 18.80
N THR A 290 -4.51 29.28 18.42
CA THR A 290 -4.18 28.11 19.25
C THR A 290 -2.69 27.93 19.39
N LEU A 291 -2.25 27.62 20.62
CA LEU A 291 -0.89 27.15 20.87
C LEU A 291 -0.94 25.68 21.22
N VAL A 292 -0.16 24.86 20.52
CA VAL A 292 0.06 23.46 20.88
C VAL A 292 1.44 23.37 21.53
N ILE A 293 1.49 22.92 22.77
CA ILE A 293 2.75 22.71 23.49
C ILE A 293 3.11 21.23 23.41
N GLY A 294 4.25 20.93 22.78
CA GLY A 294 4.71 19.57 22.62
C GLY A 294 5.06 19.30 21.16
N ALA A 295 5.64 18.10 20.94
CA ALA A 295 6.20 17.77 19.64
C ALA A 295 6.03 16.30 19.27
N SER A 296 5.18 15.55 19.99
CA SER A 296 4.84 14.18 19.68
C SER A 296 3.97 14.11 18.41
N TYR A 297 3.68 12.87 17.98
CA TYR A 297 2.77 12.74 16.85
C TYR A 297 1.39 13.32 17.18
N VAL A 298 0.96 13.24 18.44
CA VAL A 298 -0.33 13.84 18.81
C VAL A 298 -0.29 15.35 18.60
N ALA A 299 0.79 16.00 19.05
CA ALA A 299 0.91 17.46 18.90
C ALA A 299 0.88 17.87 17.44
N LEU A 300 1.68 17.20 16.59
CA LEU A 300 1.81 17.61 15.20
C LEU A 300 0.56 17.28 14.38
N GLU A 301 -0.08 16.13 14.65
CA GLU A 301 -1.32 15.81 13.93
C GLU A 301 -2.41 16.84 14.22
N CYS A 302 -2.56 17.22 15.50
CA CYS A 302 -3.59 18.19 15.86
C CYS A 302 -3.28 19.58 15.30
N ALA A 303 -2.02 20.05 15.42
CA ALA A 303 -1.69 21.34 14.85
C ALA A 303 -1.92 21.35 13.35
N GLY A 304 -1.59 20.24 12.69
CA GLY A 304 -1.74 20.15 11.25
C GLY A 304 -3.17 20.32 10.76
N PHE A 305 -4.13 19.55 11.33
CA PHE A 305 -5.49 19.71 10.82
C PHE A 305 -6.09 21.05 11.24
N LEU A 306 -5.78 21.56 12.44
CA LEU A 306 -6.29 22.88 12.82
C LEU A 306 -5.88 23.96 11.82
N ALA A 307 -4.65 23.89 11.31
CA ALA A 307 -4.20 24.88 10.32
C ALA A 307 -4.95 24.72 8.99
N SER A 308 -5.11 23.47 8.53
CA SER A 308 -5.85 23.24 7.28
C SER A 308 -7.30 23.67 7.39
N LEU A 309 -7.87 23.67 8.59
CA LEU A 309 -9.26 24.11 8.72
C LEU A 309 -9.39 25.63 8.82
N GLY A 310 -8.27 26.35 8.74
CA GLY A 310 -8.27 27.81 8.72
C GLY A 310 -7.72 28.47 9.95
N GLY A 311 -7.19 27.72 10.93
CA GLY A 311 -6.78 28.32 12.18
C GLY A 311 -5.38 28.91 12.15
N ASP A 312 -5.17 29.84 13.09
CA ASP A 312 -3.87 30.47 13.36
C ASP A 312 -3.23 29.61 14.45
N VAL A 313 -2.23 28.80 14.07
CA VAL A 313 -1.70 27.74 14.94
C VAL A 313 -0.19 27.90 15.11
N THR A 314 0.28 27.77 16.35
CA THR A 314 1.70 27.79 16.71
C THR A 314 2.01 26.54 17.53
N VAL A 315 3.18 25.94 17.29
CA VAL A 315 3.66 24.78 18.04
C VAL A 315 4.91 25.17 18.83
N MET A 316 4.89 24.97 20.15
CA MET A 316 6.04 25.16 21.05
C MET A 316 6.83 23.87 21.24
N VAL A 317 8.07 23.84 20.74
CA VAL A 317 8.92 22.66 20.72
C VAL A 317 10.06 22.82 21.72
N ARG A 318 10.16 21.90 22.69
CA ARG A 318 11.24 21.97 23.68
C ARG A 318 12.61 21.69 23.05
N SER A 319 12.71 20.62 22.23
CA SER A 319 13.99 20.27 21.61
C SER A 319 13.80 19.87 20.15
N ILE A 320 13.34 18.63 19.90
CA ILE A 320 13.20 18.10 18.55
C ILE A 320 11.75 17.65 18.30
N LEU A 321 11.42 17.45 17.03
CA LEU A 321 10.13 16.86 16.61
C LEU A 321 10.20 15.35 16.62
N LEU A 322 9.12 14.69 17.05
CA LEU A 322 8.97 13.24 16.90
C LEU A 322 10.18 12.47 17.44
N ARG A 323 10.58 12.78 18.68
CA ARG A 323 11.67 12.04 19.33
C ARG A 323 11.39 10.54 19.29
N GLY A 324 12.40 9.78 18.86
CA GLY A 324 12.29 8.34 18.71
C GLY A 324 11.95 7.86 17.31
N PHE A 325 11.54 8.75 16.43
CA PHE A 325 11.38 8.51 14.99
C PHE A 325 12.63 8.98 14.25
N ASP A 326 12.85 8.44 13.05
CA ASP A 326 13.94 8.86 12.17
C ASP A 326 13.96 10.39 12.02
N GLN A 327 15.07 11.03 12.40
CA GLN A 327 15.08 12.49 12.51
C GLN A 327 15.18 13.22 11.17
N GLN A 328 15.77 12.60 10.12
CA GLN A 328 15.65 13.18 8.79
C GLN A 328 14.19 13.28 8.37
N MET A 329 13.42 12.20 8.54
CA MET A 329 12.00 12.27 8.17
C MET A 329 11.22 13.21 9.07
N ALA A 330 11.56 13.27 10.37
CA ALA A 330 10.85 14.19 11.27
C ALA A 330 11.01 15.64 10.82
N GLU A 331 12.23 16.02 10.43
CA GLU A 331 12.45 17.39 9.97
C GLU A 331 11.76 17.68 8.64
N LYS A 332 11.66 16.70 7.72
CA LYS A 332 10.91 16.94 6.49
C LYS A 332 9.41 17.12 6.77
N VAL A 333 8.88 16.37 7.74
CA VAL A 333 7.49 16.52 8.15
C VAL A 333 7.25 17.94 8.65
N GLY A 334 8.15 18.44 9.50
CA GLY A 334 7.99 19.77 10.06
C GLY A 334 8.18 20.88 9.04
N ASP A 335 9.18 20.74 8.16
CA ASP A 335 9.37 21.74 7.11
C ASP A 335 8.13 21.88 6.24
N TYR A 336 7.46 20.77 5.93
CA TYR A 336 6.23 20.88 5.14
C TYR A 336 5.16 21.66 5.89
N MET A 337 4.98 21.38 7.20
CA MET A 337 3.95 22.12 7.94
C MET A 337 4.30 23.60 8.05
N GLU A 338 5.59 23.93 8.25
CA GLU A 338 5.95 25.33 8.34
C GLU A 338 5.77 26.05 7.01
N ASN A 339 5.98 25.35 5.88
CA ASN A 339 5.72 25.94 4.58
C ASN A 339 4.24 26.09 4.27
N HIS A 340 3.38 25.32 4.94
CA HIS A 340 1.94 25.38 4.70
C HIS A 340 1.18 25.93 5.90
N GLY A 341 1.76 26.90 6.61
CA GLY A 341 1.01 27.75 7.51
C GLY A 341 1.20 27.53 9.00
N VAL A 342 1.83 26.42 9.46
CA VAL A 342 2.02 26.23 10.90
C VAL A 342 3.26 26.98 11.38
N LYS A 343 3.12 27.79 12.44
CA LYS A 343 4.27 28.49 13.01
C LYS A 343 4.88 27.65 14.13
N PHE A 344 6.21 27.77 14.29
CA PHE A 344 6.95 26.99 15.27
C PHE A 344 7.76 27.93 16.17
N ALA A 345 7.61 27.75 17.48
CA ALA A 345 8.48 28.38 18.49
C ALA A 345 9.49 27.33 18.94
N LYS A 346 10.69 27.38 18.39
CA LYS A 346 11.69 26.35 18.56
C LYS A 346 12.55 26.58 19.79
N LEU A 347 12.97 25.48 20.42
CA LEU A 347 13.82 25.51 21.62
C LEU A 347 13.18 26.37 22.72
N CYS A 348 11.92 26.07 23.04
CA CYS A 348 11.11 26.95 23.88
C CYS A 348 10.23 26.12 24.80
N VAL A 349 10.06 26.57 26.04
CA VAL A 349 9.17 25.89 27.00
C VAL A 349 8.26 26.88 27.71
N PRO A 350 7.09 26.48 28.19
CA PRO A 350 6.19 27.42 28.86
C PRO A 350 6.47 27.49 30.36
N ASP A 351 6.23 28.68 30.93
CA ASP A 351 6.37 28.90 32.38
C ASP A 351 5.03 29.11 33.08
N ILE A 353 0.51 30.03 32.39
CA ILE A 353 -0.69 30.44 31.66
C ILE A 353 -1.54 31.35 32.52
N LYS A 354 -1.93 32.51 32.00
CA LYS A 354 -2.72 33.50 32.74
C LYS A 354 -4.04 33.70 32.01
N GLN A 355 -5.13 33.84 32.78
CA GLN A 355 -6.46 33.97 32.18
C GLN A 355 -6.82 35.43 31.98
N LEU A 356 -7.17 35.79 30.75
CA LEU A 356 -7.64 37.12 30.36
C LEU A 356 -9.15 37.17 30.14
N LYS A 357 -9.74 36.08 29.63
CA LYS A 357 -11.19 35.92 29.46
C LYS A 357 -11.59 34.49 29.81
N VAL A 358 -12.70 34.35 30.55
CA VAL A 358 -13.34 33.05 30.78
C VAL A 358 -14.02 32.55 29.50
N VAL A 359 -14.07 31.23 29.33
CA VAL A 359 -14.79 30.64 28.19
C VAL A 359 -16.25 31.08 28.24
N ASP A 360 -16.80 31.44 27.07
CA ASP A 360 -18.15 32.02 26.94
C ASP A 360 -19.11 30.91 26.50
N THR A 361 -19.72 30.21 27.47
CA THR A 361 -20.68 29.17 27.13
C THR A 361 -21.93 29.76 26.50
N GLU A 362 -22.29 30.99 26.87
CA GLU A 362 -23.43 31.69 26.28
C GLU A 362 -23.31 31.69 24.77
N ASN A 363 -22.43 32.52 24.23
CA ASN A 363 -22.27 32.68 22.78
C ASN A 363 -21.33 31.64 22.16
N ASN A 364 -20.96 30.59 22.89
CA ASN A 364 -20.22 29.45 22.33
C ASN A 364 -18.89 29.88 21.72
N LYS A 365 -18.02 30.44 22.56
CA LYS A 365 -16.78 31.05 22.14
C LYS A 365 -15.70 30.74 23.16
N PRO A 366 -14.44 30.62 22.72
CA PRO A 366 -13.35 30.38 23.67
C PRO A 366 -13.09 31.61 24.54
N GLY A 367 -12.24 31.43 25.55
CA GLY A 367 -11.71 32.53 26.34
C GLY A 367 -10.49 33.18 25.70
N LEU A 368 -9.58 33.67 26.54
CA LEU A 368 -8.35 34.31 26.07
C LEU A 368 -7.28 34.16 27.14
N LEU A 369 -6.06 33.84 26.73
CA LEU A 369 -5.00 33.48 27.67
C LEU A 369 -3.71 34.22 27.30
N LEU A 370 -2.90 34.52 28.32
CA LEU A 370 -1.54 35.01 28.11
C LEU A 370 -0.57 33.89 28.49
N VAL A 371 0.29 33.50 27.55
CA VAL A 371 1.28 32.44 27.75
C VAL A 371 2.65 33.07 27.87
N LYS A 372 3.35 32.76 28.96
CA LYS A 372 4.71 33.22 29.21
C LYS A 372 5.65 32.02 29.24
N GLY A 373 6.81 32.14 28.57
CA GLY A 373 7.79 31.06 28.55
C GLY A 373 9.20 31.55 28.28
N HIS A 374 10.15 30.66 27.98
CA HIS A 374 11.50 31.12 27.64
C HIS A 374 12.20 30.16 26.69
N TYR A 375 13.11 30.69 25.87
CA TYR A 375 13.95 29.92 24.97
C TYR A 375 15.18 29.40 25.69
N THR A 376 15.87 28.42 25.07
CA THR A 376 16.96 27.77 25.81
C THR A 376 18.11 28.71 26.09
N ASP A 377 18.24 29.81 25.34
CA ASP A 377 19.29 30.79 25.61
C ASP A 377 18.91 31.80 26.68
N GLY A 378 17.67 31.74 27.17
CA GLY A 378 17.20 32.69 28.16
C GLY A 378 16.29 33.80 27.64
N LYS A 379 16.17 33.99 26.33
CA LYS A 379 15.24 35.00 25.85
C LYS A 379 13.80 34.63 26.23
N LYS A 380 12.93 35.64 26.29
CA LYS A 380 11.57 35.47 26.81
C LYS A 380 10.57 35.29 25.68
N PHE A 381 9.54 34.46 25.95
CA PHE A 381 8.38 34.26 25.09
C PHE A 381 7.17 34.85 25.81
N GLU A 382 6.36 35.65 25.11
CA GLU A 382 5.10 36.15 25.69
C GLU A 382 4.11 36.46 24.56
N GLU A 383 2.96 35.79 24.56
CA GLU A 383 1.99 35.96 23.48
C GLU A 383 0.60 35.50 23.95
N GLU A 384 -0.45 36.08 23.35
CA GLU A 384 -1.85 35.77 23.65
C GLU A 384 -2.42 34.69 22.71
N PHE A 385 -3.24 33.79 23.25
CA PHE A 385 -3.93 32.73 22.49
C PHE A 385 -5.32 32.52 23.05
N GLU A 386 -6.21 32.01 22.20
CA GLU A 386 -7.56 31.68 22.67
C GLU A 386 -7.66 30.29 23.28
N THR A 387 -6.83 29.34 22.80
CA THR A 387 -6.78 27.96 23.27
C THR A 387 -5.32 27.51 23.36
N VAL A 388 -5.01 26.79 24.44
CA VAL A 388 -3.69 26.18 24.65
C VAL A 388 -3.89 24.69 24.86
N ILE A 389 -3.34 23.87 23.96
CA ILE A 389 -3.44 22.41 24.02
C ILE A 389 -2.12 21.83 24.46
N PHE A 390 -2.12 21.06 25.56
CA PHE A 390 -0.93 20.35 26.00
C PHE A 390 -0.89 18.95 25.38
N ALA A 391 0.22 18.65 24.69
CA ALA A 391 0.49 17.31 24.16
C ALA A 391 1.93 16.94 24.54
N VAL A 392 2.15 16.68 25.84
CA VAL A 392 3.48 16.44 26.39
C VAL A 392 3.62 15.04 26.98
N GLY A 393 2.97 14.06 26.36
CA GLY A 393 3.09 12.68 26.77
C GLY A 393 1.84 12.18 27.47
N ARG A 394 1.83 10.87 27.71
CA ARG A 394 0.73 10.17 28.35
C ARG A 394 1.31 9.21 29.39
N GLU A 395 0.49 8.86 30.38
CA GLU A 395 1.00 7.99 31.44
C GLU A 395 -0.12 7.16 32.03
N PRO A 396 0.17 5.96 32.53
CA PRO A 396 -0.82 5.21 33.28
C PRO A 396 -0.86 5.70 34.72
N GLN A 397 -1.88 5.29 35.44
CA GLN A 397 -1.97 5.63 36.86
C GLN A 397 -2.34 4.36 37.60
N LEU A 398 -1.42 3.38 37.59
CA LEU A 398 -1.75 2.05 38.07
C LEU A 398 -1.94 2.01 39.59
N SER A 399 -1.45 3.04 40.31
CA SER A 399 -1.76 3.16 41.73
C SER A 399 -3.27 3.18 41.98
N LYS A 400 -4.05 3.74 41.06
CA LYS A 400 -5.51 3.71 41.17
C LYS A 400 -6.12 2.36 40.84
N VAL A 401 -5.40 1.50 40.14
CA VAL A 401 -5.96 0.27 39.61
C VAL A 401 -5.52 -0.96 40.41
N LEU A 402 -4.40 -0.87 41.13
CA LEU A 402 -3.66 -2.05 41.54
C LEU A 402 -3.10 -1.82 42.94
N CYS A 403 -3.63 -2.52 43.93
CA CYS A 403 -3.08 -2.46 45.28
C CYS A 403 -1.67 -3.03 45.33
N GLU A 404 -0.79 -2.34 46.05
CA GLU A 404 0.63 -2.72 46.14
C GLU A 404 0.81 -4.14 46.68
N THR A 405 -0.10 -4.59 47.54
CA THR A 405 0.06 -5.87 48.21
C THR A 405 -0.25 -7.06 47.32
N VAL A 406 -0.75 -6.85 46.10
CA VAL A 406 -1.03 -8.00 45.24
C VAL A 406 0.26 -8.62 44.75
N GLY A 407 1.31 -7.83 44.56
CA GLY A 407 2.59 -8.34 44.12
C GLY A 407 2.88 -8.20 42.63
N VAL A 408 2.16 -7.32 41.92
CA VAL A 408 2.37 -7.12 40.49
C VAL A 408 3.50 -6.10 40.30
N LYS A 409 4.58 -6.51 39.64
CA LYS A 409 5.77 -5.67 39.52
C LYS A 409 5.60 -4.62 38.41
N LEU A 410 6.02 -3.39 38.71
CA LEU A 410 6.03 -2.28 37.76
C LEU A 410 7.47 -1.81 37.50
N ASP A 411 7.68 -1.18 36.33
CA ASP A 411 8.99 -0.61 36.03
C ASP A 411 9.07 0.84 36.51
N LYS A 412 10.15 1.54 36.16
CA LYS A 412 10.37 2.88 36.69
C LYS A 412 9.45 3.93 36.08
N ASN A 413 8.75 3.61 34.98
CA ASN A 413 7.72 4.49 34.43
C ASN A 413 6.31 4.10 34.85
N GLY A 414 6.16 3.10 35.71
CA GLY A 414 4.84 2.69 36.17
C GLY A 414 4.09 1.76 35.25
N ARG A 415 4.74 1.14 34.28
CA ARG A 415 4.10 0.15 33.42
C ARG A 415 4.38 -1.26 33.95
N VAL A 416 3.60 -2.24 33.51
CA VAL A 416 3.64 -3.60 34.08
C VAL A 416 4.72 -4.43 33.39
N VAL A 417 5.56 -5.09 34.19
CA VAL A 417 6.59 -5.98 33.66
C VAL A 417 5.98 -7.35 33.38
N CYS A 418 6.04 -7.76 32.11
CA CYS A 418 5.37 -8.97 31.64
C CYS A 418 6.35 -9.90 30.94
N THR A 419 6.06 -11.21 31.02
CA THR A 419 6.69 -12.21 30.17
C THR A 419 6.21 -12.06 28.73
N ASP A 420 6.82 -12.84 27.83
CA ASP A 420 6.45 -12.81 26.41
C ASP A 420 5.08 -13.42 26.14
N ASP A 421 4.36 -13.90 27.16
CA ASP A 421 2.98 -14.34 27.02
C ASP A 421 2.03 -13.45 27.82
N GLU A 422 2.44 -12.21 28.10
CA GLU A 422 1.68 -11.19 28.83
C GLU A 422 1.46 -11.48 30.31
N GLN A 423 2.13 -12.49 30.88
CA GLN A 423 1.94 -12.82 32.30
C GLN A 423 2.72 -11.85 33.21
N THR A 424 2.06 -11.36 34.27
CA THR A 424 2.73 -10.53 35.28
C THR A 424 3.48 -11.44 36.26
N THR A 425 3.98 -10.84 37.35
CA THR A 425 4.62 -11.60 38.42
C THR A 425 3.61 -12.33 39.31
N VAL A 426 2.31 -12.13 39.08
CA VAL A 426 1.26 -12.87 39.77
C VAL A 426 0.63 -13.80 38.72
N SER A 427 0.60 -15.10 39.02
CA SER A 427 0.52 -16.12 37.97
C SER A 427 -0.81 -16.10 37.20
N ASN A 428 -1.91 -15.69 37.82
CA ASN A 428 -3.20 -15.64 37.13
C ASN A 428 -3.54 -14.28 36.53
N VAL A 429 -2.61 -13.31 36.61
CA VAL A 429 -2.88 -11.93 36.21
C VAL A 429 -2.00 -11.60 35.00
N TYR A 430 -2.62 -10.97 34.00
CA TYR A 430 -1.98 -10.64 32.72
C TYR A 430 -2.20 -9.16 32.42
N ALA A 431 -1.36 -8.57 31.56
CA ALA A 431 -1.53 -7.19 31.13
C ALA A 431 -1.33 -7.04 29.63
N ILE A 432 -2.16 -6.19 29.00
CA ILE A 432 -2.12 -5.97 27.55
C ILE A 432 -2.27 -4.49 27.26
N GLY A 433 -1.80 -4.11 26.07
CA GLY A 433 -2.04 -2.77 25.58
C GLY A 433 -1.00 -1.78 26.08
N ASP A 434 -1.40 -0.51 26.25
CA ASP A 434 -0.41 0.54 26.51
C ASP A 434 0.32 0.36 27.85
N ILE A 435 -0.29 -0.32 28.83
CA ILE A 435 0.37 -0.48 30.13
C ILE A 435 1.38 -1.62 30.17
N ASN A 436 1.58 -2.34 29.07
CA ASN A 436 2.55 -3.45 29.03
C ASN A 436 3.93 -2.86 28.72
N ALA A 437 4.85 -2.94 29.68
CA ALA A 437 6.12 -2.21 29.55
C ALA A 437 6.89 -2.62 28.30
N GLY A 438 7.43 -1.63 27.59
CA GLY A 438 8.32 -1.87 26.48
C GLY A 438 7.66 -2.24 25.17
N LYS A 439 6.35 -2.28 25.10
CA LYS A 439 5.66 -2.65 23.87
C LYS A 439 5.25 -1.41 23.07
N PRO A 440 5.16 -1.49 21.72
CA PRO A 440 4.62 -0.36 20.95
C PRO A 440 3.20 -0.05 21.39
N GLN A 441 2.89 1.23 21.52
CA GLN A 441 1.62 1.65 22.10
C GLN A 441 0.65 1.98 20.97
N LEU A 442 0.04 0.93 20.39
CA LEU A 442 -0.77 1.08 19.18
C LEU A 442 -2.02 0.21 19.30
N THR A 443 -3.10 0.66 18.67
CA THR A 443 -4.37 -0.05 18.80
C THR A 443 -4.32 -1.46 18.19
N PRO A 444 -3.81 -1.67 16.97
CA PRO A 444 -3.77 -3.04 16.45
C PRO A 444 -2.86 -3.98 17.24
N VAL A 445 -1.86 -3.46 17.95
CA VAL A 445 -1.05 -4.31 18.82
C VAL A 445 -1.87 -4.76 20.03
N ALA A 446 -2.62 -3.85 20.63
CA ALA A 446 -3.44 -4.20 21.80
C ALA A 446 -4.51 -5.23 21.43
N ILE A 447 -5.08 -5.11 20.22
CA ILE A 447 -6.11 -6.05 19.76
C ILE A 447 -5.51 -7.44 19.52
N GLN A 448 -4.37 -7.51 18.81
CA GLN A 448 -3.73 -8.81 18.58
C GLN A 448 -3.32 -9.46 19.91
N ALA A 449 -2.78 -8.67 20.83
CA ALA A 449 -2.35 -9.22 22.11
C ALA A 449 -3.52 -9.81 22.88
N GLY A 450 -4.65 -9.09 22.91
CA GLY A 450 -5.80 -9.55 23.67
C GLY A 450 -6.48 -10.77 23.08
N ARG A 451 -6.62 -10.80 21.75
CA ARG A 451 -7.25 -11.97 21.10
C ARG A 451 -6.37 -13.20 21.23
N TYR A 452 -5.06 -13.05 21.00
CA TYR A 452 -4.15 -14.19 21.08
C TYR A 452 -4.07 -14.72 22.52
N LEU A 453 -4.07 -13.83 23.51
CA LEU A 453 -4.01 -14.27 24.91
C LEU A 453 -5.26 -15.03 25.32
N ALA A 454 -6.46 -14.54 24.94
CA ALA A 454 -7.70 -15.25 25.24
C ALA A 454 -7.70 -16.66 24.66
N ARG A 455 -7.14 -16.82 23.46
CA ARG A 455 -7.09 -18.15 22.85
C ARG A 455 -6.15 -19.08 23.61
N ARG A 456 -5.01 -18.57 24.10
CA ARG A 456 -4.12 -19.42 24.88
C ARG A 456 -4.74 -19.81 26.21
N LEU A 457 -5.47 -18.89 26.86
CA LEU A 457 -6.05 -19.17 28.18
C LEU A 457 -7.19 -20.18 28.08
N PHE A 458 -8.04 -20.05 27.06
CA PHE A 458 -9.29 -20.79 27.07
C PHE A 458 -9.49 -21.74 25.90
N ALA A 459 -8.56 -21.80 24.94
CA ALA A 459 -8.71 -22.76 23.84
C ALA A 459 -7.45 -23.56 23.57
N GLY A 460 -6.46 -23.55 24.48
CA GLY A 460 -5.27 -24.35 24.29
C GLY A 460 -4.33 -23.87 23.22
N ALA A 461 -4.49 -22.65 22.72
CA ALA A 461 -3.60 -22.16 21.68
C ALA A 461 -2.20 -21.94 22.24
N THR A 462 -1.20 -21.89 21.35
CA THR A 462 0.17 -21.61 21.74
C THR A 462 0.77 -20.36 21.11
N GLU A 463 0.12 -19.78 20.10
CA GLU A 463 0.71 -18.68 19.34
C GLU A 463 0.89 -17.44 20.20
N LEU A 464 2.09 -16.85 20.15
CA LEU A 464 2.42 -15.61 20.82
C LEU A 464 2.25 -14.41 19.89
N THR A 465 2.11 -13.23 20.48
CA THR A 465 2.10 -11.98 19.72
C THR A 465 3.54 -11.55 19.39
N ASP A 466 3.78 -11.19 18.11
CA ASP A 466 5.10 -10.75 17.66
C ASP A 466 5.12 -9.22 17.65
N TYR A 467 5.92 -8.62 18.54
CA TYR A 467 5.98 -7.17 18.67
C TYR A 467 7.10 -6.50 17.84
N SER A 468 7.78 -7.22 16.96
CA SER A 468 8.92 -6.64 16.24
C SER A 468 8.50 -6.07 14.87
N ASN A 469 9.18 -5.01 14.46
CA ASN A 469 8.99 -4.37 13.15
C ASN A 469 7.50 -4.04 12.86
N VAL A 470 6.82 -3.51 13.87
CA VAL A 470 5.41 -3.11 13.72
C VAL A 470 5.36 -1.76 13.03
N ALA A 471 4.68 -1.69 11.89
CA ALA A 471 4.66 -0.47 11.09
C ALA A 471 3.78 0.60 11.75
N THR A 472 4.07 1.87 11.41
CA THR A 472 3.40 3.05 11.96
C THR A 472 3.06 4.04 10.85
N THR A 473 2.12 4.95 11.11
CA THR A 473 1.90 6.10 10.23
C THR A 473 1.48 7.30 11.07
N VAL A 474 2.16 8.42 10.84
CA VAL A 474 1.86 9.72 11.44
C VAL A 474 1.03 10.50 10.45
N PHE A 475 -0.19 10.89 10.85
CA PHE A 475 -1.15 11.51 9.92
C PHE A 475 -1.08 13.04 9.99
N THR A 476 0.14 13.55 9.75
CA THR A 476 0.39 14.98 9.53
C THR A 476 -0.11 15.41 8.14
N PRO A 477 -0.16 16.73 7.85
CA PRO A 477 -0.73 17.18 6.57
C PRO A 477 -0.13 16.48 5.34
N LEU A 478 1.19 16.28 5.31
CA LEU A 478 1.82 15.25 4.48
C LEU A 478 2.19 14.07 5.39
N GLU A 479 1.64 12.90 5.10
CA GLU A 479 1.75 11.73 5.97
C GLU A 479 3.12 11.05 5.92
N TYR A 480 3.50 10.40 7.04
CA TYR A 480 4.80 9.73 7.17
C TYR A 480 4.59 8.28 7.67
N GLY A 481 4.92 7.31 6.81
CA GLY A 481 4.79 5.90 7.13
C GLY A 481 6.17 5.28 7.31
N ALA A 482 6.27 4.31 8.23
CA ALA A 482 7.56 3.66 8.49
C ALA A 482 7.36 2.24 9.00
N CYS A 483 8.36 1.38 8.74
CA CYS A 483 8.42 0.02 9.27
C CYS A 483 9.87 -0.36 9.49
N GLY A 484 10.24 -0.65 10.75
CA GLY A 484 11.59 -1.06 11.07
C GLY A 484 12.45 0.05 11.67
N LEU A 485 13.78 -0.03 11.47
CA LEU A 485 14.72 0.87 12.13
C LEU A 485 14.82 2.22 11.42
N SER A 486 14.99 3.28 12.22
CA SER A 486 15.47 4.53 11.67
C SER A 486 16.89 4.36 11.18
N GLU A 487 17.32 5.28 10.31
CA GLU A 487 18.67 5.22 9.76
C GLU A 487 19.73 5.38 10.87
N GLU A 488 19.51 6.32 11.79
CA GLU A 488 20.48 6.50 12.88
C GLU A 488 20.54 5.28 13.80
N ASP A 489 19.41 4.60 14.03
CA ASP A 489 19.46 3.39 14.86
C ASP A 489 20.17 2.24 14.13
N ALA A 490 20.00 2.13 12.82
CA ALA A 490 20.70 1.07 12.10
C ALA A 490 22.21 1.27 12.17
N ILE A 491 22.67 2.51 12.00
CA ILE A 491 24.10 2.82 12.01
C ILE A 491 24.69 2.57 13.40
N GLU A 492 24.00 3.02 14.46
CA GLU A 492 24.45 2.73 15.81
C GLU A 492 24.61 1.24 16.06
N LYS A 493 23.69 0.42 15.55
CA LYS A 493 23.71 -1.01 15.83
C LYS A 493 24.73 -1.79 15.01
N TYR A 494 24.99 -1.37 13.77
CA TYR A 494 25.80 -2.15 12.85
C TYR A 494 27.06 -1.43 12.36
N GLY A 495 27.16 -0.12 12.58
CA GLY A 495 28.27 0.66 12.05
C GLY A 495 28.00 1.20 10.67
N ASP A 496 28.52 2.40 10.40
CA ASP A 496 28.22 3.09 9.14
C ASP A 496 28.67 2.29 7.91
N LYS A 497 29.83 1.62 7.99
CA LYS A 497 30.32 0.90 6.81
C LYS A 497 29.46 -0.30 6.42
N ASP A 498 28.63 -0.82 7.33
CA ASP A 498 27.75 -1.94 7.04
C ASP A 498 26.33 -1.51 6.65
N ILE A 499 26.07 -0.21 6.48
CA ILE A 499 24.72 0.28 6.15
C ILE A 499 24.74 0.98 4.80
N GLU A 500 23.84 0.56 3.90
CA GLU A 500 23.56 1.22 2.63
C GLU A 500 22.13 1.76 2.63
N VAL A 501 21.97 2.99 2.17
CA VAL A 501 20.67 3.68 2.11
C VAL A 501 20.38 4.06 0.66
N TYR A 502 19.30 3.50 0.11
CA TYR A 502 18.79 3.89 -1.21
C TYR A 502 17.65 4.87 -1.03
N HIS A 503 17.61 5.94 -1.84
CA HIS A 503 16.59 6.96 -1.62
C HIS A 503 16.23 7.69 -2.91
N SER A 504 15.06 8.34 -2.89
CA SER A 504 14.58 9.11 -4.03
C SER A 504 13.49 10.08 -3.58
N ASN A 505 13.48 11.28 -4.19
CA ASN A 505 12.27 12.10 -4.21
C ASN A 505 11.28 11.54 -5.22
N PHE A 506 10.02 12.01 -5.11
CA PHE A 506 9.01 11.69 -6.10
C PHE A 506 7.91 12.74 -6.08
N LYS A 507 7.11 12.77 -7.14
CA LYS A 507 5.96 13.67 -7.26
C LYS A 507 4.74 12.84 -7.59
N PRO A 508 3.68 12.87 -6.78
CA PRO A 508 2.45 12.16 -7.15
C PRO A 508 1.91 12.67 -8.48
N LEU A 509 1.44 11.77 -9.35
CA LEU A 509 0.87 12.24 -10.63
C LEU A 509 -0.27 13.24 -10.40
N GLU A 510 -1.08 13.02 -9.36
CA GLU A 510 -2.15 13.95 -8.98
C GLU A 510 -1.66 15.37 -8.68
N TRP A 511 -0.38 15.55 -8.35
CA TRP A 511 0.14 16.89 -8.05
C TRP A 511 0.58 17.66 -9.30
N THR A 512 0.61 17.03 -10.48
CA THR A 512 1.17 17.73 -11.64
C THR A 512 0.24 18.82 -12.14
N VAL A 513 -0.98 18.45 -12.55
CA VAL A 513 -1.94 19.43 -13.04
C VAL A 513 -2.34 20.40 -11.94
N ALA A 514 -2.21 19.98 -10.67
CA ALA A 514 -2.55 20.84 -9.54
C ALA A 514 -1.44 21.83 -9.17
N HIS A 515 -0.29 21.79 -9.85
CA HIS A 515 0.85 22.67 -9.62
C HIS A 515 1.34 22.63 -8.16
N ARG A 516 1.27 21.45 -7.56
C ARG A 516 3.62 20.95 -6.29
N GLU A 517 4.32 20.73 -5.18
CA GLU A 517 5.78 20.80 -5.16
C GLU A 517 6.41 19.60 -5.86
N ASP A 518 7.56 19.85 -6.52
CA ASP A 518 8.24 18.84 -7.32
C ASP A 518 8.99 17.81 -6.47
N ASN A 519 9.63 18.25 -5.38
CA ASN A 519 10.63 17.44 -4.68
C ASN A 519 10.43 17.51 -3.16
N VAL A 520 9.20 17.37 -2.70
CA VAL A 520 8.94 17.31 -1.26
C VAL A 520 8.69 15.87 -0.80
N CYS A 521 7.92 15.09 -1.55
CA CYS A 521 7.75 13.68 -1.19
C CYS A 521 9.09 12.94 -1.35
N TYR A 522 9.28 11.92 -0.50
CA TYR A 522 10.59 11.31 -0.29
C TYR A 522 10.43 9.90 0.27
N MET A 523 11.31 8.97 -0.14
CA MET A 523 11.29 7.64 0.42
C MET A 523 12.71 7.08 0.47
N LYS A 524 12.95 6.16 1.42
CA LYS A 524 14.27 5.51 1.51
C LYS A 524 14.13 4.11 2.08
N LEU A 525 15.09 3.24 1.71
CA LEU A 525 15.28 1.91 2.27
C LEU A 525 16.64 1.86 2.96
N VAL A 526 16.66 1.51 4.24
CA VAL A 526 17.88 1.40 5.04
C VAL A 526 18.28 -0.07 5.10
N CYS A 527 19.47 -0.43 4.57
CA CYS A 527 19.81 -1.83 4.33
C CYS A 527 21.15 -2.22 4.97
N ARG A 528 21.29 -3.53 5.27
CA ARG A 528 22.50 -4.09 5.90
C ARG A 528 23.32 -4.86 4.87
N LYS A 529 24.49 -4.32 4.53
CA LYS A 529 25.30 -4.86 3.44
C LYS A 529 25.70 -6.31 3.70
N SER A 530 26.16 -6.61 4.92
CA SER A 530 26.71 -7.94 5.19
C SER A 530 25.64 -9.00 5.38
N ASP A 531 24.35 -8.65 5.38
CA ASP A 531 23.30 -9.65 5.43
C ASP A 531 22.46 -9.61 4.15
N ASN A 532 23.12 -9.82 3.00
CA ASN A 532 22.47 -9.85 1.67
C ASN A 532 21.63 -8.61 1.39
N MET A 533 22.05 -7.45 1.89
CA MET A 533 21.31 -6.19 1.72
C MET A 533 19.89 -6.29 2.28
N ARG A 534 19.76 -6.89 3.47
CA ARG A 534 18.48 -7.00 4.17
C ARG A 534 17.87 -5.62 4.40
N VAL A 535 16.56 -5.50 4.20
CA VAL A 535 15.89 -4.23 4.48
C VAL A 535 15.64 -4.13 5.97
N LEU A 536 16.38 -3.24 6.65
CA LEU A 536 16.23 -2.99 8.09
C LEU A 536 15.14 -1.98 8.41
N GLY A 537 14.90 -1.02 7.51
CA GLY A 537 13.89 0.01 7.70
C GLY A 537 13.39 0.60 6.39
N LEU A 538 12.09 0.91 6.34
CA LEU A 538 11.42 1.54 5.19
C LEU A 538 10.75 2.82 5.67
N HIS A 539 10.89 3.91 4.90
CA HIS A 539 10.35 5.24 5.27
C HIS A 539 9.73 5.92 4.05
N VAL A 540 8.53 6.50 4.20
CA VAL A 540 7.91 7.21 3.09
C VAL A 540 7.15 8.44 3.60
N LEU A 541 7.40 9.59 2.96
CA LEU A 541 6.66 10.83 3.20
C LEU A 541 5.87 11.16 1.93
N GLY A 542 4.53 11.13 2.02
CA GLY A 542 3.69 11.40 0.87
C GLY A 542 2.22 11.12 1.14
N PRO A 543 1.37 11.36 0.16
CA PRO A 543 -0.07 11.08 0.35
C PRO A 543 -0.31 9.60 0.53
N ASN A 544 -1.32 9.27 1.37
CA ASN A 544 -1.77 7.89 1.59
C ASN A 544 -0.63 6.99 2.10
N ALA A 545 0.23 7.57 2.96
CA ALA A 545 1.44 6.85 3.39
C ALA A 545 1.14 5.57 4.17
N GLY A 546 0.01 5.53 4.89
CA GLY A 546 -0.36 4.31 5.58
C GLY A 546 -0.78 3.20 4.63
N GLU A 547 -1.53 3.54 3.57
CA GLU A 547 -1.87 2.54 2.56
C GLU A 547 -0.61 2.05 1.83
N ILE A 548 0.33 2.96 1.56
CA ILE A 548 1.59 2.57 0.91
C ILE A 548 2.36 1.57 1.77
N THR A 549 2.50 1.88 3.07
CA THR A 549 3.44 1.15 3.93
C THR A 549 2.94 -0.24 4.29
N GLN A 550 1.63 -0.41 4.48
CA GLN A 550 1.12 -1.63 5.14
C GLN A 550 1.60 -2.92 4.46
N GLY A 551 1.43 -3.04 3.14
CA GLY A 551 1.80 -4.28 2.47
C GLY A 551 3.26 -4.64 2.61
N TYR A 552 4.13 -3.62 2.58
CA TYR A 552 5.57 -3.90 2.76
C TYR A 552 5.89 -4.44 4.15
N ALA A 553 5.06 -4.17 5.16
CA ALA A 553 5.31 -4.73 6.49
C ALA A 553 5.28 -6.26 6.49
N VAL A 554 4.48 -6.88 5.60
CA VAL A 554 4.51 -8.34 5.46
C VAL A 554 5.85 -8.79 4.88
N ALA A 555 6.35 -8.10 3.86
CA ALA A 555 7.62 -8.50 3.24
C ALA A 555 8.79 -8.34 4.21
N ILE A 556 8.79 -7.27 5.00
CA ILE A 556 9.84 -7.09 6.00
C ILE A 556 9.74 -8.16 7.09
N LYS A 557 8.51 -8.49 7.53
CA LYS A 557 8.33 -9.61 8.45
C LYS A 557 8.98 -10.89 7.92
N MET A 558 8.91 -11.13 6.60
CA MET A 558 9.49 -12.34 6.04
C MET A 558 10.96 -12.21 5.69
N GLY A 559 11.61 -11.10 6.03
CA GLY A 559 13.03 -10.92 5.77
C GLY A 559 13.43 -10.38 4.40
N ALA A 560 12.65 -9.45 3.85
CA ALA A 560 12.89 -8.98 2.48
C ALA A 560 14.27 -8.34 2.36
N THR A 561 14.89 -8.52 1.20
CA THR A 561 16.15 -7.86 0.83
C THR A 561 15.88 -6.84 -0.27
N LYS A 562 16.90 -6.03 -0.55
CA LYS A 562 16.84 -5.11 -1.69
C LYS A 562 16.58 -5.87 -2.99
N ALA A 563 17.19 -7.05 -3.15
CA ALA A 563 16.94 -7.85 -4.34
C ALA A 563 15.48 -8.24 -4.48
N ASP A 564 14.77 -8.47 -3.35
CA ASP A 564 13.35 -8.78 -3.43
C ASP A 564 12.54 -7.58 -3.93
N PHE A 565 12.93 -6.37 -3.51
CA PHE A 565 12.25 -5.17 -4.03
C PHE A 565 12.55 -4.98 -5.52
N ASP A 566 13.78 -5.29 -5.94
CA ASP A 566 14.18 -5.09 -7.33
C ASP A 566 13.45 -6.02 -8.29
N ARG A 567 13.26 -7.28 -7.90
CA ARG A 567 12.66 -8.26 -8.80
C ARG A 567 11.14 -8.15 -8.87
N THR A 568 10.50 -7.53 -7.88
CA THR A 568 9.06 -7.24 -7.95
C THR A 568 8.81 -6.06 -8.89
N ILE A 569 7.74 -6.15 -9.72
CA ILE A 569 7.44 -5.12 -10.72
C ILE A 569 6.46 -4.09 -10.17
N GLY A 570 6.63 -2.82 -10.56
CA GLY A 570 5.72 -1.78 -10.08
C GLY A 570 4.33 -1.82 -10.70
N ILE A 571 3.38 -1.19 -9.99
CA ILE A 571 2.04 -0.85 -10.50
C ILE A 571 2.07 0.63 -10.90
N HIS A 572 1.69 0.94 -12.15
CA HIS A 572 1.77 2.30 -12.69
C HIS A 572 0.41 2.84 -13.11
N PRO A 573 0.08 4.12 -12.81
CA PRO A 573 0.86 5.12 -12.05
C PRO A 573 0.46 5.10 -10.56
N THR A 574 1.42 4.91 -9.66
CA THR A 574 1.22 4.98 -8.21
C THR A 574 2.42 5.67 -7.57
N CYS A 575 2.24 6.17 -6.33
CA CYS A 575 3.38 6.59 -5.53
C CYS A 575 4.20 5.38 -5.06
N SER A 576 3.51 4.30 -4.66
CA SER A 576 4.22 3.17 -4.04
C SER A 576 5.23 2.51 -4.97
N GLU A 577 5.00 2.55 -6.30
CA GLU A 577 5.91 1.86 -7.21
C GLU A 577 7.33 2.40 -7.19
N THR A 578 7.56 3.61 -6.65
CA THR A 578 8.92 4.13 -6.59
C THR A 578 9.84 3.26 -5.72
N PHE A 579 9.28 2.48 -4.79
CA PHE A 579 10.10 1.56 -3.98
C PHE A 579 10.67 0.42 -4.81
N THR A 580 10.09 0.10 -5.98
CA THR A 580 10.55 -1.06 -6.76
C THR A 580 11.73 -0.76 -7.68
N THR A 581 12.11 0.52 -7.85
CA THR A 581 13.17 0.89 -8.78
C THR A 581 14.22 1.80 -8.15
N LEU A 582 14.33 1.78 -6.81
CA LEU A 582 15.33 2.63 -6.15
C LEU A 582 16.75 2.22 -6.55
N HIS A 583 17.63 3.22 -6.70
CA HIS A 583 19.00 2.92 -7.12
C HIS A 583 20.06 3.92 -6.62
N VAL A 584 19.66 5.16 -6.29
CA VAL A 584 20.62 6.16 -5.82
C VAL A 584 20.96 5.86 -4.35
N THR A 585 22.25 5.69 -4.05
CA THR A 585 22.70 5.50 -2.67
C THR A 585 23.15 6.83 -2.07
N LYS A 586 23.03 6.95 -0.74
CA LYS A 586 23.53 8.15 -0.08
C LYS A 586 25.05 8.24 -0.13
N LYS A 587 25.75 7.09 -0.13
CA LYS A 587 27.21 7.14 -0.19
C LYS A 587 27.71 7.70 -1.52
N SER A 588 26.96 7.49 -2.60
CA SER A 588 27.38 7.98 -3.91
C SER A 588 27.40 9.50 -3.98
N GLY A 589 26.66 10.19 -3.11
CA GLY A 589 26.52 11.63 -3.20
C GLY A 589 25.64 12.12 -4.33
N VAL A 590 25.07 11.22 -5.14
CA VAL A 590 24.21 11.64 -6.25
C VAL A 590 22.92 12.22 -5.71
N SER A 591 22.41 13.27 -6.36
CA SER A 591 21.17 13.91 -5.90
C SER A 591 19.97 12.97 -6.00
N PRO A 592 19.08 12.97 -5.00
CA PRO A 592 17.84 12.19 -5.10
C PRO A 592 16.69 12.86 -5.82
N ILE A 593 16.84 14.12 -6.29
CA ILE A 593 15.71 14.79 -6.94
C ILE A 593 15.35 14.08 -8.24
N VAL A 594 14.13 14.33 -8.72
CA VAL A 594 13.57 13.58 -9.83
C VAL A 594 14.07 14.14 -11.16
N GLY B 7 31.03 -22.67 -18.32
CA GLY B 7 30.78 -21.95 -17.09
C GLY B 7 31.23 -20.51 -17.15
N THR B 8 32.24 -20.17 -16.34
CA THR B 8 32.79 -18.82 -16.31
C THR B 8 33.31 -18.41 -17.68
N SER B 9 33.91 -19.35 -18.42
CA SER B 9 34.63 -18.96 -19.63
C SER B 9 33.68 -18.48 -20.72
N GLN B 10 32.50 -19.08 -20.85
CA GLN B 10 31.61 -18.63 -21.90
C GLN B 10 30.71 -17.47 -21.48
N TRP B 11 30.61 -17.16 -20.19
CA TRP B 11 30.11 -15.84 -19.80
C TRP B 11 31.09 -14.75 -20.23
N LEU B 12 32.39 -14.97 -20.01
CA LEU B 12 33.37 -13.97 -20.39
C LEU B 12 33.39 -13.77 -21.89
N ARG B 13 33.26 -14.86 -22.65
CA ARG B 13 33.24 -14.78 -24.11
C ARG B 13 32.07 -13.93 -24.59
N LYS B 14 30.87 -14.21 -24.08
CA LYS B 14 29.70 -13.42 -24.46
C LYS B 14 29.87 -11.96 -24.08
N THR B 15 30.36 -11.70 -22.87
CA THR B 15 30.51 -10.32 -22.40
C THR B 15 31.48 -9.53 -23.28
N VAL B 16 32.61 -10.14 -23.66
CA VAL B 16 33.60 -9.42 -24.46
C VAL B 16 33.09 -9.18 -25.88
N ASP B 17 32.39 -10.16 -26.46
CA ASP B 17 31.93 -10.03 -27.84
C ASP B 17 30.87 -8.94 -27.98
N SER B 18 30.06 -8.73 -26.93
CA SER B 18 28.88 -7.87 -26.98
C SER B 18 29.13 -6.45 -26.48
N ALA B 19 30.02 -6.27 -25.52
CA ALA B 19 30.24 -4.95 -24.93
C ALA B 19 30.81 -3.98 -25.97
N ALA B 20 30.41 -2.71 -25.86
CA ALA B 20 30.95 -1.69 -26.74
C ALA B 20 32.34 -1.25 -26.27
N VAL B 21 32.45 -0.86 -24.99
CA VAL B 21 33.71 -0.50 -24.35
C VAL B 21 33.65 -1.01 -22.92
N ILE B 22 34.55 -1.91 -22.55
CA ILE B 22 34.51 -2.49 -21.21
C ILE B 22 35.92 -2.57 -20.63
N LEU B 23 36.02 -2.21 -19.36
CA LEU B 23 37.27 -2.26 -18.60
C LEU B 23 37.16 -3.33 -17.52
N PHE B 24 38.12 -4.26 -17.49
CA PHE B 24 38.25 -5.20 -16.40
C PHE B 24 39.25 -4.65 -15.38
N SER B 25 38.82 -4.52 -14.13
CA SER B 25 39.51 -3.70 -13.16
C SER B 25 39.48 -4.34 -11.77
N LYS B 26 40.21 -3.71 -10.85
CA LYS B 26 40.10 -3.98 -9.42
C LYS B 26 40.12 -2.65 -8.68
N THR B 27 39.38 -2.59 -7.56
CA THR B 27 39.10 -1.30 -6.92
C THR B 27 40.34 -0.72 -6.26
N THR B 28 41.27 -1.57 -5.81
CA THR B 28 42.47 -1.12 -5.12
C THR B 28 43.67 -0.91 -6.04
N CYS B 29 43.51 -1.18 -7.35
CA CYS B 29 44.57 -1.08 -8.34
C CYS B 29 44.78 0.36 -8.79
N PRO B 30 45.90 1.00 -8.41
CA PRO B 30 46.14 2.38 -8.85
C PRO B 30 46.40 2.51 -10.34
N TYR B 31 46.83 1.44 -11.01
CA TYR B 31 46.95 1.48 -12.46
C TYR B 31 45.58 1.53 -13.13
N CYS B 32 44.60 0.87 -12.53
CA CYS B 32 43.24 0.95 -13.05
C CYS B 32 42.64 2.33 -12.81
N LYS B 33 42.97 2.97 -11.68
CA LYS B 33 42.49 4.32 -11.41
C LYS B 33 42.98 5.30 -12.47
N LYS B 34 44.22 5.15 -12.92
CA LYS B 34 44.75 6.06 -13.93
C LYS B 34 44.08 5.86 -15.28
N VAL B 35 43.76 4.60 -15.63
CA VAL B 35 43.05 4.35 -16.88
C VAL B 35 41.63 4.87 -16.81
N LYS B 36 40.97 4.69 -15.66
CA LYS B 36 39.62 5.25 -15.49
C LYS B 36 39.63 6.76 -15.70
N ASP B 37 40.56 7.45 -15.06
CA ASP B 37 40.61 8.91 -15.13
C ASP B 37 40.89 9.39 -16.55
N VAL B 38 41.77 8.70 -17.27
CA VAL B 38 41.99 9.00 -18.68
C VAL B 38 40.70 8.90 -19.48
N LEU B 39 39.96 7.80 -19.30
CA LEU B 39 38.73 7.59 -20.06
C LEU B 39 37.69 8.67 -19.75
N ALA B 40 37.64 9.13 -18.50
CA ALA B 40 36.71 10.18 -18.12
C ALA B 40 37.10 11.52 -18.72
N GLU B 41 38.40 11.84 -18.74
CA GLU B 41 38.86 13.08 -19.36
C GLU B 41 38.52 13.12 -20.85
N ALA B 42 38.74 12.00 -21.55
CA ALA B 42 38.45 11.94 -22.97
C ALA B 42 36.95 11.75 -23.26
N LYS B 43 36.10 11.77 -22.22
CA LYS B 43 34.65 11.62 -22.38
C LYS B 43 34.29 10.27 -22.99
N ILE B 44 35.03 9.22 -22.67
CA ILE B 44 34.76 7.88 -23.17
C ILE B 44 33.96 7.13 -22.12
N LYS B 45 32.69 6.87 -22.41
CA LYS B 45 31.84 6.07 -21.53
C LYS B 45 32.11 4.58 -21.77
N HIS B 46 31.93 3.79 -20.73
CA HIS B 46 32.30 2.38 -20.76
C HIS B 46 31.70 1.67 -19.56
N ALA B 47 31.56 0.35 -19.69
CA ALA B 47 31.24 -0.52 -18.57
C ALA B 47 32.51 -0.92 -17.83
N THR B 48 32.35 -1.26 -16.55
CA THR B 48 33.46 -1.65 -15.68
C THR B 48 33.08 -2.90 -14.89
N ILE B 49 33.99 -3.87 -14.84
CA ILE B 49 33.83 -5.09 -14.05
C ILE B 49 34.96 -5.13 -13.02
N GLU B 50 34.63 -4.89 -11.75
CA GLU B 50 35.63 -4.96 -10.67
C GLU B 50 35.77 -6.40 -10.21
N LEU B 51 36.91 -7.02 -10.53
CA LEU B 51 37.06 -8.46 -10.29
C LEU B 51 37.21 -8.78 -8.80
N ASP B 52 37.79 -7.88 -8.02
CA ASP B 52 37.94 -8.09 -6.57
C ASP B 52 36.60 -8.07 -5.82
N GLN B 53 35.47 -8.06 -6.53
CA GLN B 53 34.16 -8.06 -5.91
C GLN B 53 33.27 -9.21 -6.36
N LEU B 54 33.65 -9.96 -7.39
CA LEU B 54 32.91 -11.13 -7.81
C LEU B 54 33.56 -12.37 -7.20
N SER B 55 32.73 -13.37 -6.89
CA SER B 55 33.21 -14.52 -6.12
C SER B 55 34.26 -15.31 -6.89
N ASN B 56 34.11 -15.44 -8.20
CA ASN B 56 35.05 -16.19 -9.02
C ASN B 56 35.87 -15.26 -9.93
N GLY B 57 36.21 -14.08 -9.41
CA GLY B 57 37.09 -13.18 -10.15
C GLY B 57 38.45 -13.77 -10.48
N SER B 58 38.92 -14.70 -9.65
CA SER B 58 40.18 -15.39 -9.93
C SER B 58 40.12 -16.13 -11.25
N ALA B 59 39.05 -16.92 -11.45
CA ALA B 59 38.89 -17.67 -12.68
C ALA B 59 38.70 -16.76 -13.88
N ILE B 60 38.07 -15.61 -13.69
CA ILE B 60 37.87 -14.67 -14.79
C ILE B 60 39.20 -14.08 -15.23
N GLN B 61 40.07 -13.77 -14.28
CA GLN B 61 41.41 -13.28 -14.61
C GLN B 61 42.13 -14.26 -15.53
N LYS B 62 42.04 -15.57 -15.22
CA LYS B 62 42.68 -16.57 -16.07
C LYS B 62 42.13 -16.54 -17.48
N CYS B 63 40.80 -16.52 -17.63
CA CYS B 63 40.18 -16.61 -18.94
C CYS B 63 40.44 -15.37 -19.80
N LEU B 64 40.71 -14.22 -19.17
CA LEU B 64 41.06 -13.03 -19.95
C LEU B 64 42.28 -13.27 -20.83
N ALA B 65 43.21 -14.12 -20.37
CA ALA B 65 44.42 -14.39 -21.14
C ALA B 65 44.09 -14.99 -22.51
N SER B 66 42.97 -15.72 -22.62
CA SER B 66 42.60 -16.33 -23.89
C SER B 66 42.33 -15.28 -24.97
N PHE B 67 42.02 -14.04 -24.58
CA PHE B 67 41.83 -12.94 -25.52
C PHE B 67 43.03 -12.03 -25.64
N SER B 68 43.78 -11.85 -24.55
CA SER B 68 44.80 -10.82 -24.46
C SER B 68 46.22 -11.34 -24.22
N LYS B 69 46.37 -12.62 -23.87
CA LYS B 69 47.63 -13.25 -23.49
C LYS B 69 48.22 -12.69 -22.21
N ILE B 70 47.46 -11.92 -21.43
CA ILE B 70 47.92 -11.45 -20.13
C ILE B 70 46.84 -11.76 -19.10
N GLU B 71 47.26 -11.90 -17.84
CA GLU B 71 46.35 -12.22 -16.74
C GLU B 71 46.34 -11.14 -15.68
N THR B 72 46.82 -9.95 -15.99
CA THR B 72 46.87 -8.87 -15.03
C THR B 72 45.72 -7.89 -15.29
N VAL B 73 45.70 -6.82 -14.52
CA VAL B 73 44.61 -5.85 -14.52
C VAL B 73 45.25 -4.46 -14.51
N PRO B 74 44.75 -3.48 -15.28
CA PRO B 74 43.54 -3.46 -16.12
C PRO B 74 43.69 -4.06 -17.51
N GLN B 75 42.55 -4.41 -18.11
CA GLN B 75 42.48 -4.80 -19.51
C GLN B 75 41.29 -4.10 -20.15
N MET B 76 41.54 -3.38 -21.24
CA MET B 76 40.52 -2.64 -21.98
C MET B 76 40.16 -3.37 -23.26
N PHE B 77 38.86 -3.52 -23.52
CA PHE B 77 38.35 -4.07 -24.78
C PHE B 77 37.38 -3.09 -25.44
N VAL B 78 37.37 -3.08 -26.76
CA VAL B 78 36.42 -2.31 -27.55
C VAL B 78 35.82 -3.24 -28.59
N ARG B 79 34.52 -3.49 -28.48
CA ARG B 79 33.79 -4.22 -29.51
C ARG B 79 34.42 -5.58 -29.79
N GLY B 80 34.86 -6.25 -28.72
CA GLY B 80 35.36 -7.61 -28.80
C GLY B 80 36.84 -7.74 -29.03
N LYS B 81 37.57 -6.63 -29.19
CA LYS B 81 38.99 -6.65 -29.48
C LYS B 81 39.75 -6.13 -28.25
N PHE B 82 40.82 -6.83 -27.88
CA PHE B 82 41.67 -6.35 -26.80
C PHE B 82 42.47 -5.13 -27.26
N ILE B 83 42.45 -4.07 -26.44
CA ILE B 83 43.10 -2.81 -26.80
C ILE B 83 44.44 -2.65 -26.10
N GLY B 84 44.51 -2.93 -24.80
CA GLY B 84 45.79 -2.84 -24.13
C GLY B 84 45.67 -2.79 -22.62
N ASP B 85 46.84 -2.82 -21.99
CA ASP B 85 46.97 -2.64 -20.55
C ASP B 85 47.20 -1.14 -20.28
N SER B 86 47.72 -0.82 -19.09
CA SER B 86 47.87 0.59 -18.71
C SER B 86 48.82 1.34 -19.64
N GLN B 87 50.03 0.80 -19.87
CA GLN B 87 51.00 1.52 -20.70
C GLN B 87 50.45 1.73 -22.11
N THR B 88 49.77 0.73 -22.67
CA THR B 88 49.34 0.83 -24.06
C THR B 88 48.19 1.82 -24.23
N VAL B 89 47.24 1.82 -23.30
CA VAL B 89 46.15 2.79 -23.34
C VAL B 89 46.71 4.21 -23.25
N LEU B 90 47.66 4.44 -22.32
CA LEU B 90 48.22 5.77 -22.17
C LEU B 90 49.04 6.18 -23.39
N LYS B 91 49.71 5.22 -24.03
CA LYS B 91 50.39 5.48 -25.30
C LYS B 91 49.43 6.01 -26.36
N TYR B 92 48.26 5.36 -26.49
CA TYR B 92 47.29 5.83 -27.47
C TYR B 92 46.75 7.23 -27.12
N TYR B 93 46.53 7.49 -25.83
CA TYR B 93 45.99 8.78 -25.40
C TYR B 93 46.93 9.92 -25.78
N SER B 94 48.17 9.86 -25.29
CA SER B 94 49.11 10.94 -25.54
C SER B 94 49.61 10.98 -26.98
N ASN B 95 49.22 10.02 -27.82
CA ASN B 95 49.52 10.05 -29.25
C ASN B 95 48.31 10.50 -30.08
N ASP B 96 47.21 10.92 -29.44
CA ASP B 96 45.97 11.29 -30.11
C ASP B 96 45.44 10.17 -31.00
N GLU B 97 45.54 8.93 -30.51
CA GLU B 97 45.07 7.76 -31.25
C GLU B 97 43.88 7.08 -30.60
N LEU B 98 43.48 7.49 -29.40
CA LEU B 98 42.49 6.75 -28.63
C LEU B 98 41.08 6.94 -29.20
N ALA B 99 40.68 8.19 -29.48
CA ALA B 99 39.33 8.45 -29.94
C ALA B 99 39.00 7.65 -31.19
N GLY B 100 39.94 7.55 -32.13
CA GLY B 100 39.71 6.76 -33.32
C GLY B 100 39.55 5.27 -33.04
N ILE B 101 40.27 4.75 -32.05
CA ILE B 101 40.21 3.33 -31.77
C ILE B 101 38.89 2.97 -31.10
N VAL B 102 38.44 3.79 -30.14
CA VAL B 102 37.20 3.48 -29.43
C VAL B 102 35.96 3.74 -30.30
N ASN B 103 36.09 4.49 -31.39
CA ASN B 103 34.97 4.71 -32.30
C ASN B 103 34.97 3.78 -33.50
N GLU B 104 35.99 2.95 -33.66
CA GLU B 104 36.05 2.04 -34.80
C GLU B 104 34.97 0.96 -34.64
N SER B 105 34.09 0.86 -35.63
CA SER B 105 33.01 -0.12 -35.59
C SER B 105 32.61 -0.52 -36.99
N LYS B 106 32.15 -1.78 -37.11
CA LYS B 106 31.65 -2.30 -38.37
C LYS B 106 30.29 -1.70 -38.75
N TYR B 107 29.54 -1.20 -37.78
CA TYR B 107 28.19 -0.69 -37.97
C TYR B 107 28.13 0.79 -37.59
N ASP B 108 27.08 1.47 -38.07
CA ASP B 108 26.86 2.86 -37.65
C ASP B 108 26.60 2.96 -36.16
N TYR B 109 25.87 2.00 -35.59
CA TYR B 109 25.51 2.02 -34.18
C TYR B 109 25.75 0.67 -33.52
N ASP B 110 26.06 0.71 -32.22
CA ASP B 110 26.05 -0.51 -31.44
C ASP B 110 24.63 -1.03 -31.21
N LEU B 111 23.66 -0.12 -31.11
CA LEU B 111 22.25 -0.47 -30.85
C LEU B 111 21.34 0.45 -31.64
N ILE B 112 20.33 -0.12 -32.30
CA ILE B 112 19.22 0.64 -32.87
C ILE B 112 17.94 0.15 -32.19
N VAL B 113 17.22 1.07 -31.53
CA VAL B 113 15.90 0.80 -30.97
C VAL B 113 14.84 1.33 -31.94
N ILE B 114 13.96 0.44 -32.42
CA ILE B 114 12.82 0.85 -33.21
C ILE B 114 11.62 0.98 -32.27
N GLY B 115 11.20 2.21 -32.00
CA GLY B 115 10.11 2.49 -31.08
C GLY B 115 10.53 3.31 -29.89
N GLY B 116 9.99 4.51 -29.76
CA GLY B 116 10.36 5.42 -28.69
C GLY B 116 9.31 5.54 -27.60
N GLY B 117 8.87 4.40 -27.06
CA GLY B 117 7.90 4.38 -25.97
C GLY B 117 8.47 3.87 -24.66
N SER B 118 7.62 3.29 -23.82
CA SER B 118 8.02 2.90 -22.46
C SER B 118 9.27 2.03 -22.45
N GLY B 119 9.26 0.95 -23.22
CA GLY B 119 10.40 0.03 -23.24
C GLY B 119 11.60 0.55 -24.02
N GLY B 120 11.35 1.12 -25.20
CA GLY B 120 12.46 1.53 -26.06
C GLY B 120 13.29 2.67 -25.48
N LEU B 121 12.64 3.69 -24.91
CA LEU B 121 13.41 4.78 -24.32
C LEU B 121 14.21 4.29 -23.14
N ALA B 122 13.64 3.37 -22.34
CA ALA B 122 14.39 2.84 -21.20
C ALA B 122 15.59 2.02 -21.63
N ALA B 123 15.40 1.15 -22.63
CA ALA B 123 16.51 0.38 -23.17
C ALA B 123 17.61 1.28 -23.74
N GLY B 124 17.23 2.28 -24.53
CA GLY B 124 18.23 3.10 -25.19
C GLY B 124 19.06 3.92 -24.23
N LYS B 125 18.41 4.50 -23.20
CA LYS B 125 19.12 5.31 -22.22
C LYS B 125 20.08 4.45 -21.41
N GLU B 126 19.64 3.25 -21.01
CA GLU B 126 20.49 2.38 -20.21
C GLU B 126 21.70 1.88 -21.00
N ALA B 127 21.52 1.52 -22.27
CA ALA B 127 22.65 1.06 -23.07
C ALA B 127 23.69 2.16 -23.25
N ALA B 128 23.25 3.40 -23.53
CA ALA B 128 24.18 4.51 -23.69
C ALA B 128 25.05 4.71 -22.46
N LYS B 129 24.54 4.42 -21.26
CA LYS B 129 25.33 4.58 -20.04
C LYS B 129 26.60 3.74 -20.04
N TYR B 130 26.68 2.71 -20.88
CA TYR B 130 27.83 1.82 -20.92
C TYR B 130 28.67 2.01 -22.18
N GLY B 131 28.51 3.12 -22.86
CA GLY B 131 29.32 3.39 -24.03
C GLY B 131 28.80 2.81 -25.33
N ALA B 132 27.61 2.21 -25.34
CA ALA B 132 27.00 1.79 -26.59
C ALA B 132 26.57 3.02 -27.40
N LYS B 133 26.99 3.09 -28.65
CA LYS B 133 26.55 4.16 -29.54
C LYS B 133 25.13 3.81 -30.02
N THR B 134 24.14 4.61 -29.64
CA THR B 134 22.74 4.19 -29.66
C THR B 134 21.90 5.17 -30.47
N ALA B 135 20.97 4.62 -31.26
CA ALA B 135 19.94 5.41 -31.93
C ALA B 135 18.55 4.93 -31.50
N VAL B 136 17.64 5.87 -31.24
CA VAL B 136 16.25 5.57 -30.95
C VAL B 136 15.37 6.20 -32.04
N LEU B 137 14.59 5.36 -32.72
CA LEU B 137 13.68 5.79 -33.77
C LEU B 137 12.25 5.84 -33.21
N ASP B 138 11.53 6.92 -33.49
CA ASP B 138 10.12 7.00 -33.13
C ASP B 138 9.32 7.77 -34.17
N TYR B 139 8.16 7.22 -34.52
CA TYR B 139 7.21 7.81 -35.43
C TYR B 139 5.82 7.44 -34.96
N VAL B 140 4.89 8.39 -34.98
CA VAL B 140 3.50 8.17 -34.56
C VAL B 140 2.62 8.30 -35.81
N GLU B 141 2.15 7.17 -36.33
CA GLU B 141 1.18 7.20 -37.42
C GLU B 141 -0.14 7.80 -36.95
N PRO B 142 -0.70 8.77 -37.65
CA PRO B 142 -1.92 9.44 -37.18
C PRO B 142 -3.12 8.51 -37.18
N THR B 143 -4.08 8.83 -36.31
CA THR B 143 -5.36 8.11 -36.30
C THR B 143 -6.16 8.42 -37.56
N PRO B 144 -7.25 7.70 -37.82
CA PRO B 144 -8.08 8.01 -39.01
C PRO B 144 -8.57 9.46 -39.08
N ILE B 145 -8.82 10.13 -37.94
CA ILE B 145 -9.20 11.54 -38.00
C ILE B 145 -7.97 12.46 -37.99
N GLY B 146 -6.76 11.91 -37.89
CA GLY B 146 -5.54 12.71 -37.96
C GLY B 146 -4.87 13.08 -36.64
N THR B 147 -5.25 12.47 -35.52
CA THR B 147 -4.61 12.80 -34.26
C THR B 147 -3.18 12.25 -34.22
N THR B 148 -2.25 13.06 -33.70
CA THR B 148 -0.86 12.66 -33.54
C THR B 148 -0.33 13.28 -32.25
N TRP B 149 0.89 12.89 -31.84
CA TRP B 149 1.47 13.32 -30.56
C TRP B 149 2.99 13.11 -30.58
N GLY B 150 3.65 13.48 -29.48
CA GLY B 150 5.10 13.54 -29.42
C GLY B 150 5.75 12.30 -28.82
N LEU B 151 7.04 12.46 -28.49
CA LEU B 151 7.86 11.33 -28.02
C LEU B 151 7.39 10.80 -26.68
N GLY B 152 7.48 9.47 -26.52
CA GLY B 152 7.23 8.84 -25.22
C GLY B 152 6.32 7.61 -25.22
N GLY B 153 5.57 7.37 -26.30
CA GLY B 153 4.80 6.14 -26.43
C GLY B 153 3.36 6.22 -25.95
N THR B 154 2.70 5.06 -25.89
CA THR B 154 1.27 4.99 -25.61
C THR B 154 0.92 5.46 -24.19
N CYS B 155 1.67 4.99 -23.19
CA CYS B 155 1.39 5.36 -21.81
C CYS B 155 1.45 6.88 -21.60
N VAL B 156 2.56 7.49 -22.04
CA VAL B 156 2.78 8.92 -21.82
C VAL B 156 1.70 9.77 -22.50
N ASN B 157 1.39 9.45 -23.77
CA ASN B 157 0.59 10.34 -24.61
C ASN B 157 -0.90 10.00 -24.67
N VAL B 158 -1.26 8.71 -24.70
CA VAL B 158 -2.67 8.32 -24.90
C VAL B 158 -3.04 7.12 -24.04
N GLY B 159 -2.49 7.05 -22.82
CA GLY B 159 -2.65 5.87 -21.98
C GLY B 159 -2.61 6.14 -20.49
N CYS B 160 -1.72 5.46 -19.74
CA CYS B 160 -1.74 5.52 -18.27
C CYS B 160 -1.79 6.95 -17.74
N ILE B 161 -1.01 7.86 -18.34
CA ILE B 161 -0.80 9.18 -17.76
C ILE B 161 -2.07 10.03 -17.95
N PRO B 162 -2.57 10.25 -19.17
CA PRO B 162 -3.78 11.08 -19.27
C PRO B 162 -5.00 10.39 -18.67
N LYS B 163 -5.11 9.06 -18.75
CA LYS B 163 -6.31 8.43 -18.22
C LYS B 163 -6.36 8.54 -16.69
N LYS B 164 -5.22 8.43 -15.99
CA LYS B 164 -5.28 8.57 -14.53
C LYS B 164 -5.52 10.02 -14.12
N LEU B 165 -5.04 10.99 -14.91
CA LEU B 165 -5.36 12.39 -14.61
C LEU B 165 -6.85 12.68 -14.79
N MET B 166 -7.47 12.10 -15.81
CA MET B 166 -8.91 12.28 -15.99
C MET B 166 -9.71 11.50 -14.93
N HIS B 167 -9.22 10.31 -14.54
CA HIS B 167 -9.76 9.62 -13.36
C HIS B 167 -9.71 10.50 -12.11
N GLN B 168 -8.59 11.20 -11.88
CA GLN B 168 -8.52 12.07 -10.70
C GLN B 168 -9.52 13.23 -10.80
N ALA B 169 -9.70 13.79 -12.00
CA ALA B 169 -10.73 14.81 -12.16
C ALA B 169 -12.11 14.27 -11.78
N GLY B 170 -12.39 13.02 -12.14
CA GLY B 170 -13.64 12.40 -11.75
C GLY B 170 -13.72 12.14 -10.25
N LEU B 171 -12.60 11.71 -9.64
CA LEU B 171 -12.65 11.45 -8.20
C LEU B 171 -12.93 12.72 -7.42
N LEU B 172 -12.48 13.87 -7.93
CA LEU B 172 -12.67 15.12 -7.21
C LEU B 172 -14.14 15.53 -7.14
N SER B 173 -15.00 14.98 -8.01
CA SER B 173 -16.43 15.27 -7.88
C SER B 173 -16.98 14.76 -6.55
N HIS B 174 -16.56 13.58 -6.12
CA HIS B 174 -17.01 13.05 -4.84
C HIS B 174 -16.29 13.71 -3.67
N ALA B 175 -15.06 14.16 -3.88
CA ALA B 175 -14.41 15.02 -2.89
C ALA B 175 -15.26 16.25 -2.61
N LEU B 176 -15.82 16.87 -3.66
CA LEU B 176 -16.67 18.05 -3.48
C LEU B 176 -17.95 17.71 -2.70
N GLU B 177 -18.60 16.59 -3.02
CA GLU B 177 -19.79 16.17 -2.26
C GLU B 177 -19.43 15.89 -0.80
N ASP B 178 -18.34 15.15 -0.58
CA ASP B 178 -17.97 14.79 0.79
C ASP B 178 -17.64 16.01 1.65
N ALA B 179 -17.08 17.06 1.05
CA ALA B 179 -16.62 18.21 1.83
C ALA B 179 -17.74 18.85 2.63
N GLU B 180 -18.98 18.83 2.12
CA GLU B 180 -20.09 19.41 2.87
C GLU B 180 -20.32 18.67 4.19
N HIS B 181 -20.24 17.33 4.17
CA HIS B 181 -20.46 16.59 5.40
C HIS B 181 -19.35 16.80 6.42
N PHE B 182 -18.14 17.12 5.98
CA PHE B 182 -17.02 17.38 6.87
C PHE B 182 -16.94 18.84 7.33
N GLY B 183 -17.93 19.66 6.97
CA GLY B 183 -18.07 21.01 7.50
C GLY B 183 -17.79 22.14 6.54
N TRP B 184 -17.42 21.89 5.29
CA TRP B 184 -17.15 22.97 4.35
C TRP B 184 -18.44 23.51 3.71
N SER B 185 -18.43 24.80 3.39
CA SER B 185 -19.66 25.54 3.09
C SER B 185 -20.07 25.50 1.62
N LEU B 186 -19.40 24.72 0.78
CA LEU B 186 -19.75 24.69 -0.63
C LEU B 186 -21.05 23.94 -0.87
N ASP B 187 -21.69 24.24 -2.01
CA ASP B 187 -22.90 23.55 -2.47
C ASP B 187 -22.56 22.83 -3.76
N ARG B 188 -22.34 21.50 -3.66
CA ARG B 188 -21.95 20.68 -4.81
C ARG B 188 -22.92 20.81 -5.99
N SER B 189 -24.21 20.99 -5.71
CA SER B 189 -25.21 21.01 -6.77
C SER B 189 -25.02 22.17 -7.76
N LYS B 190 -24.30 23.23 -7.38
CA LYS B 190 -24.13 24.39 -8.26
C LYS B 190 -22.77 24.46 -8.92
N ILE B 191 -22.00 23.37 -8.90
CA ILE B 191 -20.67 23.34 -9.51
C ILE B 191 -20.72 22.45 -10.74
N SER B 192 -20.09 22.89 -11.83
CA SER B 192 -20.05 22.15 -13.08
C SER B 192 -18.59 21.98 -13.52
N HIS B 193 -18.39 21.15 -14.53
CA HIS B 193 -17.05 20.83 -15.02
C HIS B 193 -16.84 21.36 -16.45
N ASN B 194 -15.62 21.82 -16.73
CA ASN B 194 -15.21 22.34 -18.04
C ASN B 194 -14.18 21.38 -18.67
N TRP B 195 -14.63 20.60 -19.65
CA TRP B 195 -13.78 19.64 -20.35
C TRP B 195 -12.51 20.26 -20.90
N SER B 196 -12.65 21.38 -21.62
CA SER B 196 -11.50 21.94 -22.30
C SER B 196 -10.44 22.44 -21.32
N THR B 197 -10.84 23.00 -20.19
CA THR B 197 -9.88 23.40 -19.17
C THR B 197 -9.07 22.20 -18.66
N MET B 198 -9.77 21.09 -18.35
CA MET B 198 -9.09 19.82 -18.08
C MET B 198 -8.08 19.45 -19.15
N VAL B 199 -8.56 19.31 -20.39
CA VAL B 199 -7.69 18.79 -21.45
C VAL B 199 -6.46 19.68 -21.62
N GLU B 200 -6.62 21.00 -21.49
CA GLU B 200 -5.45 21.88 -21.58
C GLU B 200 -4.43 21.58 -20.49
N GLY B 201 -4.89 21.36 -19.25
CA GLY B 201 -3.95 21.04 -18.20
C GLY B 201 -3.28 19.70 -18.41
N VAL B 202 -4.06 18.70 -18.82
CA VAL B 202 -3.51 17.37 -19.08
C VAL B 202 -2.46 17.45 -20.19
N GLN B 203 -2.81 18.14 -21.29
CA GLN B 203 -1.91 18.20 -22.44
C GLN B 203 -0.66 19.01 -22.13
N SER B 204 -0.74 20.01 -21.24
CA SER B 204 0.46 20.74 -20.86
C SER B 204 1.43 19.83 -20.10
N HIS B 205 0.91 18.93 -19.25
CA HIS B 205 1.79 17.98 -18.58
C HIS B 205 2.40 16.99 -19.57
N ILE B 206 1.60 16.49 -20.52
CA ILE B 206 2.16 15.57 -21.51
C ILE B 206 3.26 16.27 -22.31
N GLY B 207 3.05 17.54 -22.66
CA GLY B 207 4.07 18.27 -23.42
C GLY B 207 5.39 18.39 -22.65
N SER B 208 5.30 18.57 -21.34
CA SER B 208 6.51 18.58 -20.52
C SER B 208 7.23 17.23 -20.54
N LEU B 209 6.48 16.13 -20.66
CA LEU B 209 7.12 14.82 -20.75
C LEU B 209 7.75 14.61 -22.12
N ASN B 210 7.07 15.02 -23.21
CA ASN B 210 7.69 14.94 -24.54
C ASN B 210 9.05 15.64 -24.54
N TRP B 211 9.08 16.86 -24.02
CA TRP B 211 10.31 17.65 -23.99
C TRP B 211 11.36 17.01 -23.10
N GLY B 212 10.93 16.50 -21.93
CA GLY B 212 11.87 15.87 -21.01
C GLY B 212 12.59 14.67 -21.59
N TYR B 213 11.89 13.88 -22.41
CA TYR B 213 12.53 12.74 -23.05
C TYR B 213 13.53 13.17 -24.12
N LYS B 214 13.20 14.19 -24.91
CA LYS B 214 14.16 14.68 -25.89
C LYS B 214 15.42 15.20 -25.22
N VAL B 215 15.27 15.90 -24.09
CA VAL B 215 16.42 16.39 -23.33
C VAL B 215 17.21 15.23 -22.75
N ALA B 216 16.51 14.21 -22.23
CA ALA B 216 17.19 13.05 -21.67
C ALA B 216 18.04 12.34 -22.71
N LEU B 217 17.52 12.17 -23.93
CA LEU B 217 18.29 11.51 -24.97
C LEU B 217 19.51 12.34 -25.37
N ARG B 218 19.34 13.66 -25.49
CA ARG B 218 20.50 14.51 -25.81
C ARG B 218 21.59 14.41 -24.74
N ASP B 219 21.21 14.42 -23.47
CA ASP B 219 22.19 14.39 -22.40
C ASP B 219 22.82 13.02 -22.18
N ASN B 220 22.29 11.96 -22.78
CA ASN B 220 22.91 10.65 -22.78
C ASN B 220 23.65 10.35 -24.08
N GLN B 221 23.76 11.34 -24.99
CA GLN B 221 24.41 11.15 -26.30
C GLN B 221 23.73 10.07 -27.13
N VAL B 222 22.42 9.96 -27.01
CA VAL B 222 21.60 9.09 -27.85
C VAL B 222 21.10 9.87 -29.06
N THR B 223 21.23 9.30 -30.25
CA THR B 223 20.71 9.91 -31.47
C THR B 223 19.22 9.63 -31.60
N TYR B 224 18.40 10.69 -31.59
CA TYR B 224 16.94 10.57 -31.74
C TYR B 224 16.54 10.91 -33.17
N LEU B 225 15.93 9.95 -33.86
CA LEU B 225 15.41 10.15 -35.20
C LEU B 225 13.89 10.03 -35.18
N ASN B 226 13.19 11.11 -35.49
CA ASN B 226 11.74 11.09 -35.62
C ASN B 226 11.41 10.56 -37.02
N ALA B 227 11.52 9.24 -37.17
CA ALA B 227 11.45 8.59 -38.47
C ALA B 227 10.86 7.19 -38.33
N LYS B 228 10.21 6.72 -39.39
CA LYS B 228 9.62 5.38 -39.41
C LYS B 228 10.70 4.37 -39.78
N GLY B 229 10.92 3.38 -38.91
CA GLY B 229 11.93 2.36 -39.12
C GLY B 229 11.35 1.05 -39.62
N ARG B 230 12.14 0.35 -40.44
CA ARG B 230 11.78 -0.94 -41.00
C ARG B 230 13.03 -1.81 -41.07
N LEU B 231 13.00 -2.97 -40.42
CA LEU B 231 14.11 -3.90 -40.45
C LEU B 231 14.06 -4.73 -41.73
N ILE B 232 15.05 -4.56 -42.60
CA ILE B 232 15.08 -5.21 -43.89
C ILE B 232 16.10 -6.35 -43.98
N SER B 233 17.10 -6.38 -43.11
CA SER B 233 17.97 -7.53 -42.92
C SER B 233 18.42 -7.51 -41.47
N PRO B 234 19.06 -8.57 -40.98
CA PRO B 234 19.43 -8.62 -39.56
C PRO B 234 20.12 -7.37 -39.02
N HIS B 235 20.94 -6.66 -39.82
CA HIS B 235 21.65 -5.49 -39.32
C HIS B 235 21.30 -4.18 -40.02
N GLU B 236 20.34 -4.16 -40.94
CA GLU B 236 20.01 -2.97 -41.71
C GLU B 236 18.61 -2.48 -41.39
N VAL B 237 18.48 -1.19 -41.08
CA VAL B 237 17.20 -0.56 -40.79
C VAL B 237 16.97 0.55 -41.81
N GLN B 238 15.91 0.42 -42.60
CA GLN B 238 15.52 1.48 -43.51
C GLN B 238 14.64 2.48 -42.78
N ILE B 239 14.98 3.76 -42.90
CA ILE B 239 14.27 4.84 -42.22
C ILE B 239 13.64 5.74 -43.27
N THR B 240 12.48 6.31 -42.93
CA THR B 240 11.79 7.26 -43.79
C THR B 240 11.56 8.57 -43.03
N ASP B 241 11.91 9.68 -43.68
CA ASP B 241 11.96 11.03 -43.17
C ASP B 241 10.57 11.64 -43.03
N LYS B 242 10.51 12.79 -42.36
CA LYS B 242 9.30 13.60 -42.41
C LYS B 242 9.10 14.26 -43.77
N ASN B 243 10.14 14.27 -44.62
CA ASN B 243 10.04 14.74 -46.00
C ASN B 243 9.96 13.59 -47.00
N GLN B 244 9.67 12.37 -46.51
CA GLN B 244 9.57 11.16 -47.33
C GLN B 244 10.93 10.69 -47.84
N LYS B 245 12.03 11.17 -47.27
CA LYS B 245 13.36 10.74 -47.69
C LYS B 245 13.70 9.38 -47.06
N VAL B 246 14.13 8.44 -47.90
CA VAL B 246 14.44 7.08 -47.49
C VAL B 246 15.95 6.88 -47.49
N SER B 247 16.46 6.17 -46.49
CA SER B 247 17.89 5.86 -46.38
C SER B 247 18.05 4.66 -45.44
N THR B 248 19.29 4.24 -45.23
CA THR B 248 19.58 3.00 -44.51
C THR B 248 20.68 3.24 -43.48
N ILE B 249 20.46 2.74 -42.25
CA ILE B 249 21.47 2.76 -41.20
C ILE B 249 21.66 1.33 -40.71
N THR B 250 22.85 1.07 -40.15
CA THR B 250 23.20 -0.28 -39.72
C THR B 250 23.49 -0.30 -38.23
N GLY B 251 23.21 -1.44 -37.60
CA GLY B 251 23.42 -1.60 -36.18
C GLY B 251 23.83 -3.01 -35.83
N ASN B 252 24.62 -3.14 -34.77
CA ASN B 252 25.03 -4.46 -34.30
C ASN B 252 23.83 -5.20 -33.67
N LYS B 253 23.32 -4.68 -32.55
CA LYS B 253 22.12 -5.19 -31.90
C LYS B 253 20.90 -4.35 -32.29
N ILE B 254 19.74 -5.00 -32.42
CA ILE B 254 18.47 -4.35 -32.75
C ILE B 254 17.46 -4.70 -31.66
N ILE B 255 16.74 -3.69 -31.15
CA ILE B 255 15.61 -3.92 -30.23
C ILE B 255 14.34 -3.43 -30.91
N LEU B 256 13.38 -4.35 -31.10
CA LEU B 256 12.05 -4.01 -31.58
C LEU B 256 11.16 -3.66 -30.37
N ALA B 257 10.57 -2.48 -30.40
CA ALA B 257 9.77 -1.99 -29.26
C ALA B 257 8.68 -1.05 -29.77
N THR B 258 7.93 -1.50 -30.78
CA THR B 258 7.01 -0.65 -31.51
C THR B 258 5.57 -0.68 -30.98
N GLY B 259 5.25 -1.51 -29.98
CA GLY B 259 3.92 -1.43 -29.36
C GLY B 259 2.74 -1.84 -30.25
N GLU B 260 1.54 -1.39 -29.84
CA GLU B 260 0.26 -1.73 -30.48
C GLU B 260 -0.57 -0.46 -30.71
N ARG B 261 -1.69 -0.61 -31.44
CA ARG B 261 -2.67 0.46 -31.62
C ARG B 261 -4.07 -0.12 -31.51
N PRO B 262 -5.09 0.73 -31.33
CA PRO B 262 -6.46 0.21 -31.14
C PRO B 262 -7.01 -0.47 -32.39
N LYS B 263 -7.83 -1.52 -32.18
CA LYS B 263 -8.62 -2.13 -33.25
C LYS B 263 -9.97 -1.43 -33.45
N TYR B 264 -10.51 -1.53 -34.69
CA TYR B 264 -11.91 -1.20 -34.98
C TYR B 264 -12.69 -2.45 -35.39
N PRO B 265 -13.98 -2.52 -35.09
CA PRO B 265 -14.80 -3.61 -35.63
C PRO B 265 -15.06 -3.39 -37.12
N GLU B 266 -15.16 -4.49 -37.86
CA GLU B 266 -15.45 -4.40 -39.30
C GLU B 266 -16.94 -4.21 -39.52
N ILE B 267 -17.41 -2.99 -39.27
CA ILE B 267 -18.79 -2.61 -39.53
C ILE B 267 -18.82 -1.26 -40.20
N PRO B 268 -19.87 -1.00 -41.00
CA PRO B 268 -19.95 0.28 -41.69
C PRO B 268 -20.02 1.45 -40.72
N GLY B 269 -19.23 2.48 -41.00
CA GLY B 269 -19.25 3.71 -40.24
C GLY B 269 -18.30 3.75 -39.06
N ALA B 270 -17.66 2.64 -38.71
CA ALA B 270 -16.82 2.62 -37.51
C ALA B 270 -15.60 3.52 -37.65
N VAL B 271 -14.81 3.32 -38.70
CA VAL B 271 -13.60 4.13 -38.89
C VAL B 271 -13.96 5.57 -39.21
N GLU B 272 -15.07 5.77 -39.94
CA GLU B 272 -15.41 7.11 -40.42
C GLU B 272 -15.95 8.01 -39.30
N TYR B 273 -16.77 7.47 -38.40
CA TYR B 273 -17.54 8.31 -37.48
C TYR B 273 -17.28 8.05 -36.00
N GLY B 274 -16.65 6.91 -35.64
CA GLY B 274 -16.26 6.68 -34.25
C GLY B 274 -14.83 7.17 -33.96
N ILE B 275 -14.43 7.06 -32.68
CA ILE B 275 -13.08 7.39 -32.23
C ILE B 275 -12.59 6.27 -31.30
N THR B 276 -11.31 6.34 -30.94
CA THR B 276 -10.71 5.43 -29.95
C THR B 276 -10.08 6.25 -28.83
N SER B 277 -9.47 5.53 -27.87
CA SER B 277 -8.73 6.19 -26.79
C SER B 277 -7.59 7.06 -27.33
N ASP B 278 -7.01 6.71 -28.49
CA ASP B 278 -6.00 7.58 -29.11
C ASP B 278 -6.49 9.01 -29.31
N ASP B 279 -7.81 9.17 -29.53
CA ASP B 279 -8.38 10.46 -29.91
C ASP B 279 -8.92 11.19 -28.68
N LEU B 280 -9.33 10.41 -27.66
CA LEU B 280 -10.13 10.94 -26.58
C LEU B 280 -9.35 11.93 -25.71
N PHE B 281 -8.08 11.66 -25.48
CA PHE B 281 -7.34 12.39 -24.47
C PHE B 281 -6.90 13.78 -24.92
N SER B 282 -7.01 14.10 -26.21
CA SER B 282 -6.80 15.47 -26.68
C SER B 282 -8.03 16.03 -27.40
N LEU B 283 -9.22 15.42 -27.23
CA LEU B 283 -10.42 15.85 -27.95
C LEU B 283 -10.73 17.32 -27.65
N PRO B 284 -10.91 18.15 -28.68
CA PRO B 284 -11.09 19.59 -28.42
C PRO B 284 -12.49 19.99 -27.94
N TYR B 285 -13.48 19.08 -28.02
CA TYR B 285 -14.82 19.32 -27.51
C TYR B 285 -15.21 18.22 -26.53
N PHE B 286 -16.12 18.54 -25.61
CA PHE B 286 -16.65 17.50 -24.72
C PHE B 286 -17.42 16.47 -25.55
N PRO B 287 -17.20 15.17 -25.30
CA PRO B 287 -17.88 14.15 -26.11
C PRO B 287 -19.41 14.22 -26.09
N GLY B 288 -20.02 14.75 -25.05
CA GLY B 288 -21.48 14.76 -24.96
C GLY B 288 -22.02 13.40 -24.57
N LYS B 289 -23.25 13.12 -24.99
CA LYS B 289 -23.82 11.79 -24.82
C LYS B 289 -22.99 10.75 -25.59
N THR B 290 -22.47 9.76 -24.87
CA THR B 290 -21.41 8.90 -25.37
C THR B 290 -21.76 7.43 -25.24
N LEU B 291 -21.43 6.66 -26.28
CA LEU B 291 -21.47 5.21 -26.24
C LEU B 291 -20.05 4.65 -26.26
N VAL B 292 -19.70 3.81 -25.28
CA VAL B 292 -18.46 3.05 -25.28
C VAL B 292 -18.79 1.61 -25.66
N ILE B 293 -18.19 1.14 -26.76
CA ILE B 293 -18.35 -0.24 -27.23
C ILE B 293 -17.15 -1.05 -26.76
N GLY B 294 -17.42 -2.09 -25.97
CA GLY B 294 -16.39 -2.94 -25.41
C GLY B 294 -16.45 -3.00 -23.90
N ALA B 295 -15.60 -3.88 -23.35
CA ALA B 295 -15.67 -4.17 -21.91
C ALA B 295 -14.31 -4.47 -21.29
N SER B 296 -13.23 -4.03 -21.89
CA SER B 296 -11.87 -4.12 -21.37
C SER B 296 -11.66 -3.08 -20.26
N TYR B 297 -10.47 -3.09 -19.65
CA TYR B 297 -10.19 -2.07 -18.64
C TYR B 297 -10.17 -0.67 -19.26
N VAL B 298 -9.74 -0.54 -20.53
CA VAL B 298 -9.80 0.75 -21.20
C VAL B 298 -11.23 1.25 -21.30
N ALA B 299 -12.14 0.38 -21.74
CA ALA B 299 -13.55 0.79 -21.89
C ALA B 299 -14.14 1.23 -20.57
N LEU B 300 -13.92 0.45 -19.50
CA LEU B 300 -14.58 0.76 -18.23
C LEU B 300 -13.95 1.97 -17.54
N GLU B 301 -12.63 2.13 -17.65
CA GLU B 301 -12.00 3.31 -17.07
C GLU B 301 -12.52 4.58 -17.74
N CYS B 302 -12.60 4.58 -19.07
CA CYS B 302 -13.04 5.78 -19.79
C CYS B 302 -14.51 6.09 -19.51
N ALA B 303 -15.37 5.07 -19.56
CA ALA B 303 -16.77 5.29 -19.22
C ALA B 303 -16.90 5.86 -17.81
N GLY B 304 -16.09 5.34 -16.89
CA GLY B 304 -16.18 5.76 -15.50
C GLY B 304 -15.91 7.24 -15.29
N PHE B 305 -14.79 7.75 -15.83
CA PHE B 305 -14.54 9.15 -15.57
C PHE B 305 -15.48 10.05 -16.38
N LEU B 306 -15.89 9.64 -17.59
CA LEU B 306 -16.85 10.48 -18.32
C LEU B 306 -18.16 10.64 -17.54
N ALA B 307 -18.61 9.57 -16.87
CA ALA B 307 -19.82 9.68 -16.06
C ALA B 307 -19.60 10.60 -14.86
N SER B 308 -18.43 10.49 -14.19
CA SER B 308 -18.17 11.31 -13.03
C SER B 308 -18.01 12.78 -13.37
N LEU B 309 -17.63 13.10 -14.60
CA LEU B 309 -17.55 14.50 -15.01
C LEU B 309 -18.91 15.07 -15.38
N GLY B 310 -19.97 14.27 -15.32
CA GLY B 310 -21.31 14.72 -15.63
C GLY B 310 -21.90 14.21 -16.92
N GLY B 311 -21.20 13.30 -17.65
CA GLY B 311 -21.68 12.85 -18.95
C GLY B 311 -22.77 11.78 -18.88
N ASP B 312 -23.51 11.68 -19.99
CA ASP B 312 -24.54 10.65 -20.21
C ASP B 312 -23.87 9.50 -20.95
N VAL B 313 -23.58 8.40 -20.25
CA VAL B 313 -22.64 7.39 -20.74
C VAL B 313 -23.31 6.02 -20.76
N THR B 314 -23.15 5.29 -21.88
CA THR B 314 -23.62 3.92 -22.03
C THR B 314 -22.46 3.03 -22.47
N VAL B 315 -22.39 1.82 -21.92
CA VAL B 315 -21.40 0.82 -22.27
C VAL B 315 -22.12 -0.37 -22.92
N MET B 316 -21.70 -0.76 -24.13
CA MET B 316 -22.26 -1.90 -24.84
C MET B 316 -21.35 -3.11 -24.66
N VAL B 317 -21.85 -4.15 -23.99
CA VAL B 317 -21.04 -5.31 -23.59
C VAL B 317 -21.46 -6.53 -24.39
N ARG B 318 -20.52 -7.09 -25.16
CA ARG B 318 -20.78 -8.30 -25.94
C ARG B 318 -21.12 -9.49 -25.04
N SER B 319 -20.26 -9.81 -24.06
CA SER B 319 -20.48 -10.95 -23.17
C SER B 319 -20.25 -10.58 -21.70
N ILE B 320 -18.99 -10.57 -21.26
CA ILE B 320 -18.68 -10.33 -19.85
C ILE B 320 -17.80 -9.08 -19.73
N LEU B 321 -17.68 -8.57 -18.50
CA LEU B 321 -16.74 -7.50 -18.16
C LEU B 321 -15.36 -8.06 -17.81
N LEU B 322 -14.31 -7.36 -18.26
CA LEU B 322 -12.93 -7.64 -17.83
C LEU B 322 -12.54 -9.11 -18.03
N ARG B 323 -12.72 -9.62 -19.26
CA ARG B 323 -12.36 -11.00 -19.53
C ARG B 323 -10.90 -11.24 -19.20
N GLY B 324 -10.63 -12.34 -18.50
CA GLY B 324 -9.29 -12.64 -18.03
C GLY B 324 -8.98 -12.21 -16.61
N PHE B 325 -9.82 -11.35 -16.03
CA PHE B 325 -9.74 -11.00 -14.61
C PHE B 325 -10.76 -11.82 -13.82
N ASP B 326 -10.52 -11.94 -12.51
CA ASP B 326 -11.46 -12.57 -11.57
C ASP B 326 -12.88 -12.04 -11.77
N GLN B 327 -13.81 -12.95 -12.11
CA GLN B 327 -15.13 -12.51 -12.52
C GLN B 327 -16.02 -12.10 -11.36
N GLN B 328 -15.81 -12.63 -10.14
CA GLN B 328 -16.52 -12.06 -8.99
C GLN B 328 -16.16 -10.59 -8.84
N MET B 329 -14.88 -10.27 -8.94
CA MET B 329 -14.45 -8.89 -8.77
C MET B 329 -14.90 -8.01 -9.94
N ALA B 330 -14.85 -8.55 -11.16
CA ALA B 330 -15.32 -7.80 -12.33
C ALA B 330 -16.79 -7.43 -12.19
N GLU B 331 -17.63 -8.35 -11.71
CA GLU B 331 -19.04 -8.01 -11.50
C GLU B 331 -19.22 -6.95 -10.42
N LYS B 332 -18.42 -7.00 -9.34
CA LYS B 332 -18.57 -5.98 -8.31
C LYS B 332 -18.17 -4.60 -8.86
N VAL B 333 -17.16 -4.57 -9.73
CA VAL B 333 -16.75 -3.32 -10.36
C VAL B 333 -17.89 -2.74 -11.19
N GLY B 334 -18.52 -3.59 -12.01
CA GLY B 334 -19.60 -3.11 -12.88
C GLY B 334 -20.85 -2.71 -12.10
N ASP B 335 -21.18 -3.47 -11.06
CA ASP B 335 -22.32 -3.12 -10.22
C ASP B 335 -22.16 -1.73 -9.59
N TYR B 336 -20.95 -1.39 -9.14
CA TYR B 336 -20.74 -0.06 -8.56
C TYR B 336 -20.96 1.03 -9.62
N MET B 337 -20.40 0.82 -10.82
CA MET B 337 -20.55 1.76 -11.93
C MET B 337 -22.02 1.98 -12.29
N GLU B 338 -22.81 0.91 -12.36
CA GLU B 338 -24.22 1.02 -12.71
C GLU B 338 -25.02 1.73 -11.62
N ASN B 339 -24.64 1.56 -10.35
CA ASN B 339 -25.33 2.29 -9.29
C ASN B 339 -24.94 3.77 -9.26
N HIS B 340 -23.80 4.13 -9.83
CA HIS B 340 -23.30 5.50 -9.81
C HIS B 340 -23.28 6.12 -11.20
N GLY B 341 -24.26 5.78 -12.03
CA GLY B 341 -24.57 6.59 -13.19
C GLY B 341 -24.05 6.15 -14.54
N VAL B 342 -23.51 4.94 -14.66
CA VAL B 342 -23.17 4.37 -15.97
C VAL B 342 -24.26 3.39 -16.38
N LYS B 343 -24.82 3.57 -17.59
CA LYS B 343 -25.80 2.63 -18.13
C LYS B 343 -25.11 1.53 -18.93
N PHE B 344 -25.67 0.32 -18.89
CA PHE B 344 -25.10 -0.83 -19.59
C PHE B 344 -26.12 -1.46 -20.55
N ALA B 345 -25.71 -1.65 -21.80
CA ALA B 345 -26.48 -2.46 -22.75
C ALA B 345 -25.81 -3.83 -22.82
N LYS B 346 -26.39 -4.80 -22.12
CA LYS B 346 -25.77 -6.09 -21.90
C LYS B 346 -26.08 -7.08 -23.03
N LEU B 347 -25.13 -7.98 -23.27
CA LEU B 347 -25.22 -9.02 -24.30
C LEU B 347 -25.66 -8.43 -25.65
N CYS B 348 -24.84 -7.49 -26.14
CA CYS B 348 -25.20 -6.64 -27.27
C CYS B 348 -23.96 -6.34 -28.10
N VAL B 349 -24.11 -6.32 -29.43
CA VAL B 349 -23.01 -5.99 -30.35
C VAL B 349 -23.52 -4.98 -31.38
N PRO B 350 -22.66 -4.13 -31.93
CA PRO B 350 -23.11 -3.15 -32.93
C PRO B 350 -23.06 -3.69 -34.35
N ASP B 351 -23.97 -3.15 -35.20
CA ASP B 351 -24.01 -3.52 -36.61
C ASP B 351 -23.62 -2.39 -37.56
N GLU B 352 -23.91 -1.13 -37.24
CA GLU B 352 -23.49 -0.03 -38.09
C GLU B 352 -23.62 1.31 -37.35
N ILE B 353 -22.77 2.26 -37.74
CA ILE B 353 -22.84 3.65 -37.28
C ILE B 353 -23.24 4.52 -38.47
N LYS B 354 -24.34 5.24 -38.33
CA LYS B 354 -24.82 6.16 -39.36
C LYS B 354 -24.58 7.59 -38.89
N GLN B 355 -24.11 8.44 -39.81
CA GLN B 355 -23.88 9.85 -39.49
C GLN B 355 -25.15 10.67 -39.68
N LEU B 356 -25.49 11.47 -38.66
CA LEU B 356 -26.63 12.38 -38.72
C LEU B 356 -26.21 13.84 -38.79
N LYS B 357 -25.08 14.17 -38.18
CA LYS B 357 -24.57 15.54 -38.09
C LYS B 357 -23.04 15.45 -38.10
N VAL B 358 -22.38 16.28 -38.91
CA VAL B 358 -20.92 16.28 -39.00
C VAL B 358 -20.36 17.06 -37.81
N VAL B 359 -19.16 16.68 -37.34
CA VAL B 359 -18.50 17.41 -36.24
C VAL B 359 -18.30 18.86 -36.62
N ASP B 360 -18.63 19.78 -35.69
CA ASP B 360 -18.57 21.23 -35.92
C ASP B 360 -17.25 21.76 -35.35
N THR B 361 -16.22 21.82 -36.21
CA THR B 361 -14.90 22.28 -35.78
C THR B 361 -14.94 23.73 -35.32
N GLU B 362 -15.71 24.58 -36.00
CA GLU B 362 -15.70 26.01 -35.70
C GLU B 362 -16.20 26.28 -34.27
N ASN B 363 -17.46 25.93 -33.99
CA ASN B 363 -18.05 26.17 -32.69
C ASN B 363 -17.68 25.10 -31.66
N ASN B 364 -16.80 24.17 -32.01
CA ASN B 364 -16.21 23.23 -31.05
C ASN B 364 -17.27 22.35 -30.40
N LYS B 365 -17.99 21.61 -31.24
CA LYS B 365 -19.11 20.77 -30.84
C LYS B 365 -19.03 19.42 -31.55
N PRO B 366 -19.49 18.36 -30.89
CA PRO B 366 -19.52 17.06 -31.54
C PRO B 366 -20.60 17.01 -32.62
N GLY B 367 -20.54 15.95 -33.42
CA GLY B 367 -21.60 15.64 -34.37
C GLY B 367 -22.78 14.97 -33.69
N LEU B 368 -23.44 14.08 -34.43
CA LEU B 368 -24.55 13.30 -33.93
C LEU B 368 -24.66 12.03 -34.78
N LEU B 369 -24.81 10.88 -34.13
CA LEU B 369 -24.71 9.57 -34.75
C LEU B 369 -25.89 8.69 -34.38
N LEU B 370 -26.21 7.74 -35.26
CA LEU B 370 -27.22 6.71 -35.02
C LEU B 370 -26.56 5.34 -35.01
N VAL B 371 -26.70 4.62 -33.89
CA VAL B 371 -26.06 3.32 -33.72
C VAL B 371 -27.11 2.23 -33.80
N LYS B 372 -26.89 1.24 -34.67
CA LYS B 372 -27.77 0.09 -34.83
C LYS B 372 -27.03 -1.16 -34.41
N GLY B 373 -27.68 -1.98 -33.58
CA GLY B 373 -27.11 -3.25 -33.17
C GLY B 373 -28.19 -4.24 -32.77
N HIS B 374 -27.80 -5.37 -32.18
CA HIS B 374 -28.78 -6.37 -31.77
C HIS B 374 -28.25 -7.15 -30.57
N TYR B 375 -29.19 -7.68 -29.79
CA TYR B 375 -28.88 -8.50 -28.63
C TYR B 375 -28.75 -9.98 -29.03
N THR B 376 -28.18 -10.78 -28.12
CA THR B 376 -27.89 -12.18 -28.45
C THR B 376 -29.15 -13.01 -28.65
N ASP B 377 -30.29 -12.57 -28.14
CA ASP B 377 -31.55 -13.28 -28.37
C ASP B 377 -32.20 -12.92 -29.69
N GLY B 378 -31.84 -11.78 -30.27
CA GLY B 378 -32.39 -11.32 -31.54
C GLY B 378 -33.04 -9.95 -31.49
N LYS B 379 -33.35 -9.43 -30.30
CA LYS B 379 -33.92 -8.10 -30.18
C LYS B 379 -32.97 -7.03 -30.75
N LYS B 380 -33.53 -5.88 -31.08
CA LYS B 380 -32.81 -4.83 -31.80
C LYS B 380 -32.38 -3.70 -30.87
N PHE B 381 -31.27 -3.05 -31.22
CA PHE B 381 -30.77 -1.87 -30.54
C PHE B 381 -30.77 -0.70 -31.52
N GLU B 382 -31.31 0.45 -31.10
CA GLU B 382 -31.28 1.67 -31.90
C GLU B 382 -31.36 2.89 -31.00
N GLU B 383 -30.37 3.78 -31.10
CA GLU B 383 -30.28 4.95 -30.23
C GLU B 383 -29.23 5.90 -30.80
N GLU B 384 -29.42 7.19 -30.53
CA GLU B 384 -28.55 8.26 -31.00
C GLU B 384 -27.50 8.60 -29.95
N PHE B 385 -26.29 8.91 -30.41
CA PHE B 385 -25.18 9.34 -29.55
C PHE B 385 -24.42 10.46 -30.24
N GLU B 386 -23.80 11.33 -29.43
CA GLU B 386 -22.95 12.38 -29.99
C GLU B 386 -21.53 11.87 -30.27
N THR B 387 -21.00 10.96 -29.43
CA THR B 387 -19.68 10.38 -29.58
C THR B 387 -19.78 8.86 -29.41
N VAL B 388 -19.08 8.10 -30.24
CA VAL B 388 -18.99 6.64 -30.12
C VAL B 388 -17.52 6.25 -29.99
N ILE B 389 -17.15 5.66 -28.87
CA ILE B 389 -15.77 5.24 -28.58
C ILE B 389 -15.64 3.73 -28.70
N PHE B 390 -14.70 3.28 -29.53
CA PHE B 390 -14.42 1.85 -29.66
C PHE B 390 -13.24 1.47 -28.77
N ALA B 391 -13.45 0.50 -27.89
CA ALA B 391 -12.39 -0.10 -27.07
C ALA B 391 -12.55 -1.62 -27.14
N VAL B 392 -12.23 -2.19 -28.32
CA VAL B 392 -12.42 -3.62 -28.53
C VAL B 392 -11.08 -4.33 -28.76
N GLY B 393 -10.02 -3.86 -28.12
CA GLY B 393 -8.73 -4.52 -28.14
C GLY B 393 -7.68 -3.70 -28.88
N ARG B 394 -6.45 -4.20 -28.82
CA ARG B 394 -5.28 -3.56 -29.45
C ARG B 394 -4.44 -4.63 -30.15
N GLU B 395 -3.68 -4.23 -31.16
CA GLU B 395 -2.90 -5.21 -31.92
C GLU B 395 -1.64 -4.56 -32.50
N PRO B 396 -0.57 -5.33 -32.68
CA PRO B 396 0.61 -4.79 -33.34
C PRO B 396 0.43 -4.87 -34.85
N GLN B 397 1.29 -4.16 -35.57
CA GLN B 397 1.27 -4.19 -37.03
C GLN B 397 2.67 -4.45 -37.56
N LEU B 398 3.20 -5.63 -37.24
CA LEU B 398 4.62 -5.87 -37.47
C LEU B 398 4.97 -6.02 -38.95
N SER B 399 3.98 -6.17 -39.83
CA SER B 399 4.25 -6.09 -41.27
C SER B 399 4.90 -4.77 -41.63
N LYS B 400 4.45 -3.68 -41.03
CA LYS B 400 5.03 -2.36 -41.31
C LYS B 400 6.46 -2.27 -40.78
N VAL B 401 6.78 -3.00 -39.72
CA VAL B 401 8.05 -2.84 -39.03
C VAL B 401 9.10 -3.82 -39.54
N LEU B 402 8.69 -5.01 -39.98
CA LEU B 402 9.56 -6.15 -40.09
C LEU B 402 9.32 -6.83 -41.44
N CYS B 403 10.38 -6.93 -42.27
CA CYS B 403 10.27 -7.63 -43.54
C CYS B 403 10.31 -9.15 -43.32
N GLU B 404 9.42 -9.87 -44.01
CA GLU B 404 9.30 -11.31 -43.82
C GLU B 404 10.61 -12.05 -44.10
N THR B 405 11.47 -11.52 -44.96
CA THR B 405 12.68 -12.25 -45.31
C THR B 405 13.75 -12.23 -44.22
N VAL B 406 13.62 -11.36 -43.22
CA VAL B 406 14.63 -11.30 -42.16
C VAL B 406 14.64 -12.59 -41.35
N GLY B 407 13.49 -13.20 -41.17
CA GLY B 407 13.40 -14.46 -40.46
C GLY B 407 12.99 -14.38 -39.01
N VAL B 408 12.36 -13.29 -38.57
CA VAL B 408 11.86 -13.17 -37.20
C VAL B 408 10.50 -13.85 -37.12
N LYS B 409 10.39 -14.86 -36.25
CA LYS B 409 9.16 -15.64 -36.14
C LYS B 409 8.10 -14.90 -35.32
N LEU B 410 6.87 -14.90 -35.82
CA LEU B 410 5.71 -14.37 -35.11
C LEU B 410 4.77 -15.51 -34.72
N ASP B 411 3.87 -15.22 -33.78
CA ASP B 411 2.85 -16.19 -33.39
C ASP B 411 1.55 -15.92 -34.16
N LYS B 412 0.51 -16.67 -33.83
CA LYS B 412 -0.75 -16.56 -34.59
C LYS B 412 -1.48 -15.24 -34.35
N ASN B 413 -1.20 -14.53 -33.24
CA ASN B 413 -1.72 -13.19 -33.04
C ASN B 413 -0.80 -12.10 -33.59
N GLY B 414 0.33 -12.46 -34.19
CA GLY B 414 1.23 -11.47 -34.76
C GLY B 414 2.24 -10.86 -33.81
N ARG B 415 2.46 -11.45 -32.64
CA ARG B 415 3.47 -10.97 -31.69
C ARG B 415 4.74 -11.82 -31.82
N VAL B 416 5.85 -11.26 -31.33
CA VAL B 416 7.17 -11.85 -31.56
C VAL B 416 7.43 -12.97 -30.57
N VAL B 417 7.85 -14.13 -31.07
CA VAL B 417 8.20 -15.28 -30.24
C VAL B 417 9.64 -15.12 -29.76
N CYS B 418 9.84 -15.12 -28.43
CA CYS B 418 11.12 -14.78 -27.82
C CYS B 418 11.54 -15.83 -26.79
N THR B 419 12.85 -15.94 -26.58
CA THR B 419 13.39 -16.71 -25.46
C THR B 419 13.22 -15.92 -24.16
N ASP B 420 13.62 -16.53 -23.04
CA ASP B 420 13.45 -15.87 -21.74
C ASP B 420 14.43 -14.72 -21.51
N ASP B 421 15.32 -14.44 -22.45
CA ASP B 421 16.16 -13.26 -22.45
C ASP B 421 15.83 -12.30 -23.58
N GLU B 422 14.60 -12.37 -24.10
CA GLU B 422 14.01 -11.50 -25.13
C GLU B 422 14.62 -11.67 -26.51
N GLN B 423 15.39 -12.73 -26.77
CA GLN B 423 16.00 -12.93 -28.09
C GLN B 423 14.98 -13.51 -29.07
N THR B 424 14.98 -13.00 -30.31
CA THR B 424 14.11 -13.52 -31.35
C THR B 424 14.79 -14.72 -32.02
N THR B 425 14.20 -15.21 -33.13
CA THR B 425 14.82 -16.26 -33.94
C THR B 425 16.03 -15.77 -34.75
N VAL B 426 16.33 -14.48 -34.72
CA VAL B 426 17.52 -13.91 -35.36
C VAL B 426 18.42 -13.39 -34.24
N SER B 427 19.65 -13.90 -34.20
CA SER B 427 20.43 -13.92 -32.96
C SER B 427 20.77 -12.55 -32.40
N ASN B 428 20.82 -11.50 -33.24
CA ASN B 428 21.16 -10.16 -32.80
C ASN B 428 19.95 -9.25 -32.61
N VAL B 429 18.73 -9.79 -32.74
CA VAL B 429 17.49 -9.01 -32.74
C VAL B 429 16.67 -9.44 -31.52
N TYR B 430 16.16 -8.45 -30.78
CA TYR B 430 15.42 -8.66 -29.55
C TYR B 430 14.10 -7.91 -29.61
N ALA B 431 13.15 -8.31 -28.78
CA ALA B 431 11.84 -7.65 -28.73
C ALA B 431 11.41 -7.48 -27.28
N ILE B 432 10.84 -6.30 -26.95
CA ILE B 432 10.41 -6.00 -25.60
C ILE B 432 9.04 -5.32 -25.61
N GLY B 433 8.39 -5.29 -24.46
CA GLY B 433 7.11 -4.59 -24.35
C GLY B 433 5.93 -5.37 -24.90
N ASP B 434 4.92 -4.63 -25.37
CA ASP B 434 3.64 -5.23 -25.73
C ASP B 434 3.73 -6.23 -26.89
N ILE B 435 4.77 -6.16 -27.73
CA ILE B 435 4.90 -7.07 -28.87
C ILE B 435 5.59 -8.38 -28.53
N ASN B 436 6.02 -8.58 -27.28
CA ASN B 436 6.66 -9.83 -26.87
C ASN B 436 5.56 -10.81 -26.48
N ALA B 437 5.40 -11.87 -27.30
CA ALA B 437 4.28 -12.80 -27.14
C ALA B 437 4.23 -13.38 -25.73
N GLY B 438 3.03 -13.41 -25.14
CA GLY B 438 2.77 -14.09 -23.89
C GLY B 438 3.09 -13.30 -22.63
N LYS B 439 3.59 -12.08 -22.75
CA LYS B 439 3.99 -11.30 -21.58
C LYS B 439 2.89 -10.31 -21.18
N PRO B 440 2.82 -9.95 -19.89
CA PRO B 440 1.85 -8.92 -19.47
C PRO B 440 2.12 -7.60 -20.17
N GLN B 441 1.07 -6.96 -20.66
CA GLN B 441 1.21 -5.76 -21.47
C GLN B 441 1.07 -4.53 -20.57
N LEU B 442 2.15 -4.19 -19.88
CA LEU B 442 2.13 -3.15 -18.85
C LEU B 442 3.39 -2.30 -18.96
N THR B 443 3.26 -1.01 -18.63
CA THR B 443 4.40 -0.09 -18.75
C THR B 443 5.59 -0.47 -17.87
N PRO B 444 5.45 -0.77 -16.57
CA PRO B 444 6.65 -1.10 -15.79
C PRO B 444 7.27 -2.44 -16.19
N VAL B 445 6.53 -3.36 -16.80
CA VAL B 445 7.14 -4.57 -17.36
C VAL B 445 8.06 -4.20 -18.53
N ALA B 446 7.58 -3.37 -19.44
CA ALA B 446 8.40 -2.97 -20.59
C ALA B 446 9.68 -2.26 -20.15
N ILE B 447 9.59 -1.42 -19.11
CA ILE B 447 10.75 -0.68 -18.65
C ILE B 447 11.79 -1.62 -18.01
N GLN B 448 11.34 -2.56 -17.18
CA GLN B 448 12.26 -3.52 -16.57
C GLN B 448 12.90 -4.41 -17.63
N ALA B 449 12.13 -4.88 -18.62
CA ALA B 449 12.72 -5.70 -19.67
C ALA B 449 13.78 -4.93 -20.45
N GLY B 450 13.47 -3.68 -20.82
CA GLY B 450 14.42 -2.87 -21.58
C GLY B 450 15.69 -2.58 -20.81
N ARG B 451 15.57 -2.17 -19.54
CA ARG B 451 16.78 -1.84 -18.79
C ARG B 451 17.62 -3.09 -18.51
N TYR B 452 16.96 -4.19 -18.15
CA TYR B 452 17.69 -5.42 -17.83
C TYR B 452 18.36 -5.99 -19.08
N LEU B 453 17.69 -5.92 -20.24
CA LEU B 453 18.29 -6.40 -21.49
C LEU B 453 19.52 -5.58 -21.85
N ALA B 454 19.42 -4.25 -21.76
CA ALA B 454 20.56 -3.39 -22.06
C ALA B 454 21.77 -3.73 -21.21
N ARG B 455 21.55 -4.11 -19.95
CA ARG B 455 22.65 -4.42 -19.05
C ARG B 455 23.32 -5.74 -19.42
N ARG B 456 22.53 -6.72 -19.86
CA ARG B 456 23.11 -7.98 -20.29
C ARG B 456 23.93 -7.80 -21.57
N LEU B 457 23.47 -6.94 -22.48
CA LEU B 457 24.19 -6.77 -23.75
C LEU B 457 25.48 -6.00 -23.58
N PHE B 458 25.49 -4.93 -22.78
CA PHE B 458 26.62 -4.01 -22.80
C PHE B 458 27.38 -3.90 -21.49
N ALA B 459 26.95 -4.57 -20.41
CA ALA B 459 27.68 -4.53 -19.15
C ALA B 459 27.96 -5.91 -18.58
N GLY B 460 27.71 -6.97 -19.35
CA GLY B 460 27.95 -8.31 -18.85
C GLY B 460 27.06 -8.74 -17.71
N ALA B 461 25.86 -8.16 -17.56
CA ALA B 461 24.97 -8.61 -16.51
C ALA B 461 24.32 -9.94 -16.91
N THR B 462 23.74 -10.62 -15.92
CA THR B 462 23.05 -11.90 -16.13
C THR B 462 21.59 -11.91 -15.71
N GLU B 463 21.13 -10.91 -14.94
CA GLU B 463 19.77 -10.90 -14.39
C GLU B 463 18.71 -10.87 -15.49
N LEU B 464 17.73 -11.77 -15.38
CA LEU B 464 16.58 -11.82 -16.28
C LEU B 464 15.39 -11.10 -15.67
N THR B 465 14.44 -10.69 -16.52
CA THR B 465 13.16 -10.14 -16.05
C THR B 465 12.23 -11.28 -15.61
N ASP B 466 11.59 -11.13 -14.43
CA ASP B 466 10.63 -12.11 -13.90
C ASP B 466 9.22 -11.61 -14.24
N TYR B 467 8.52 -12.36 -15.09
CA TYR B 467 7.19 -11.97 -15.55
C TYR B 467 6.05 -12.59 -14.74
N SER B 468 6.33 -13.30 -13.64
CA SER B 468 5.27 -13.98 -12.90
C SER B 468 4.71 -13.11 -11.78
N ASN B 469 3.41 -13.29 -11.52
CA ASN B 469 2.71 -12.61 -10.41
C ASN B 469 2.89 -11.08 -10.46
N VAL B 470 2.78 -10.50 -11.64
CA VAL B 470 2.90 -9.05 -11.77
C VAL B 470 1.57 -8.40 -11.40
N ALA B 471 1.61 -7.48 -10.42
CA ALA B 471 0.39 -6.88 -9.90
C ALA B 471 -0.19 -5.86 -10.88
N THR B 472 -1.51 -5.63 -10.79
CA THR B 472 -2.26 -4.76 -11.69
C THR B 472 -3.22 -3.87 -10.88
N THR B 473 -3.66 -2.76 -11.48
CA THR B 473 -4.80 -2.00 -10.94
C THR B 473 -5.65 -1.43 -12.06
N VAL B 474 -6.95 -1.68 -11.98
CA VAL B 474 -7.96 -1.11 -12.89
C VAL B 474 -8.51 0.15 -12.21
N PHE B 475 -8.36 1.31 -12.87
CA PHE B 475 -8.73 2.60 -12.26
C PHE B 475 -10.15 3.03 -12.63
N THR B 476 -11.11 2.13 -12.38
CA THR B 476 -12.54 2.42 -12.42
C THR B 476 -12.92 3.35 -11.24
N PRO B 477 -14.14 3.94 -11.26
CA PRO B 477 -14.53 4.88 -10.18
C PRO B 477 -14.29 4.34 -8.76
N LEU B 478 -14.62 3.09 -8.51
CA LEU B 478 -14.07 2.35 -7.36
C LEU B 478 -12.99 1.42 -7.93
N GLU B 479 -11.75 1.58 -7.47
CA GLU B 479 -10.59 0.93 -8.08
C GLU B 479 -10.47 -0.56 -7.67
N TYR B 480 -9.83 -1.37 -8.54
CA TYR B 480 -9.67 -2.80 -8.31
C TYR B 480 -8.20 -3.20 -8.49
N GLY B 481 -7.55 -3.62 -7.40
CA GLY B 481 -6.16 -4.07 -7.43
C GLY B 481 -6.06 -5.58 -7.27
N ALA B 482 -5.09 -6.20 -7.97
CA ALA B 482 -4.94 -7.65 -7.90
C ALA B 482 -3.47 -8.05 -8.06
N CYS B 483 -3.09 -9.17 -7.44
CA CYS B 483 -1.78 -9.77 -7.65
C CYS B 483 -1.92 -11.28 -7.55
N GLY B 484 -1.60 -11.98 -8.64
CA GLY B 484 -1.66 -13.43 -8.69
C GLY B 484 -2.88 -14.00 -9.38
N LEU B 485 -3.28 -15.21 -8.99
CA LEU B 485 -4.38 -15.91 -9.67
C LEU B 485 -5.76 -15.40 -9.26
N SER B 486 -6.69 -15.38 -10.22
CA SER B 486 -8.12 -15.30 -9.89
C SER B 486 -8.54 -16.56 -9.13
N GLU B 487 -9.70 -16.46 -8.46
CA GLU B 487 -10.24 -17.62 -7.76
C GLU B 487 -10.55 -18.76 -8.73
N GLU B 488 -11.12 -18.44 -9.90
CA GLU B 488 -11.49 -19.52 -10.81
C GLU B 488 -10.25 -20.22 -11.38
N ASP B 489 -9.17 -19.46 -11.66
CA ASP B 489 -7.96 -20.09 -12.20
C ASP B 489 -7.29 -20.99 -11.15
N ALA B 490 -7.27 -20.56 -9.89
CA ALA B 490 -6.69 -21.38 -8.84
C ALA B 490 -7.49 -22.67 -8.67
N ILE B 491 -8.82 -22.58 -8.70
CA ILE B 491 -9.65 -23.79 -8.54
C ILE B 491 -9.43 -24.74 -9.72
N GLU B 492 -9.32 -24.19 -10.94
CA GLU B 492 -9.08 -25.06 -12.09
C GLU B 492 -7.72 -25.73 -11.99
N LYS B 493 -6.69 -25.00 -11.55
CA LYS B 493 -5.34 -25.55 -11.48
C LYS B 493 -5.20 -26.64 -10.41
N TYR B 494 -5.79 -26.43 -9.21
CA TYR B 494 -5.53 -27.26 -8.05
C TYR B 494 -6.71 -28.07 -7.56
N GLY B 495 -7.93 -27.75 -7.97
CA GLY B 495 -9.11 -28.41 -7.44
C GLY B 495 -9.75 -27.67 -6.28
N ASP B 496 -11.08 -27.70 -6.21
CA ASP B 496 -11.80 -26.94 -5.20
C ASP B 496 -11.45 -27.38 -3.78
N LYS B 497 -11.20 -28.67 -3.56
CA LYS B 497 -10.92 -29.10 -2.19
C LYS B 497 -9.57 -28.62 -1.67
N ASP B 498 -8.67 -28.20 -2.55
CA ASP B 498 -7.36 -27.73 -2.14
C ASP B 498 -7.27 -26.20 -2.09
N ILE B 499 -8.38 -25.48 -2.28
CA ILE B 499 -8.39 -24.01 -2.27
C ILE B 499 -9.23 -23.53 -1.09
N GLU B 500 -8.66 -22.59 -0.31
CA GLU B 500 -9.37 -21.87 0.75
C GLU B 500 -9.35 -20.38 0.44
N VAL B 501 -10.50 -19.71 0.59
CA VAL B 501 -10.65 -18.29 0.30
C VAL B 501 -11.08 -17.57 1.57
N TYR B 502 -10.25 -16.65 2.06
CA TYR B 502 -10.61 -15.76 3.16
C TYR B 502 -11.08 -14.42 2.58
N HIS B 503 -12.16 -13.85 3.14
CA HIS B 503 -12.71 -12.63 2.54
C HIS B 503 -13.45 -11.79 3.58
N SER B 504 -13.66 -10.51 3.22
CA SER B 504 -14.37 -9.58 4.07
C SER B 504 -14.79 -8.33 3.29
N ASN B 505 -15.97 -7.81 3.59
CA ASN B 505 -16.27 -6.43 3.23
C ASN B 505 -15.54 -5.47 4.17
N PHE B 506 -15.45 -4.20 3.75
CA PHE B 506 -14.95 -3.16 4.64
C PHE B 506 -15.54 -1.82 4.23
N LYS B 507 -15.39 -0.83 5.12
CA LYS B 507 -15.86 0.54 4.90
C LYS B 507 -14.70 1.46 5.23
N PRO B 508 -14.25 2.29 4.30
CA PRO B 508 -13.18 3.25 4.61
C PRO B 508 -13.66 4.22 5.70
N LEU B 509 -12.80 4.53 6.66
CA LEU B 509 -13.20 5.51 7.68
C LEU B 509 -13.66 6.82 7.04
N GLU B 510 -13.01 7.22 5.94
CA GLU B 510 -13.42 8.44 5.23
C GLU B 510 -14.86 8.40 4.74
N TRP B 511 -15.46 7.22 4.57
CA TRP B 511 -16.82 7.11 4.06
C TRP B 511 -17.88 7.22 5.16
N THR B 512 -17.50 7.24 6.45
CA THR B 512 -18.49 7.22 7.52
C THR B 512 -19.24 8.55 7.60
N VAL B 513 -18.51 9.63 7.89
CA VAL B 513 -19.10 10.95 8.01
C VAL B 513 -19.71 11.41 6.68
N ALA B 514 -19.18 10.90 5.57
CA ALA B 514 -19.71 11.24 4.25
C ALA B 514 -20.95 10.44 3.86
N HIS B 515 -21.42 9.51 4.71
CA HIS B 515 -22.59 8.67 4.43
C HIS B 515 -22.45 7.89 3.13
N GLU B 517 -21.60 4.07 1.28
CA GLU B 517 -22.10 2.68 1.36
C GLU B 517 -21.29 1.77 2.32
N ASP B 518 -21.99 0.92 3.08
CA ASP B 518 -21.39 0.13 4.15
C ASP B 518 -20.62 -1.09 3.65
N ASN B 519 -21.11 -1.73 2.59
CA ASN B 519 -20.68 -3.08 2.21
C ASN B 519 -20.49 -3.21 0.71
N VAL B 520 -19.76 -2.29 0.08
CA VAL B 520 -19.40 -2.44 -1.32
C VAL B 520 -17.91 -2.70 -1.50
N CYS B 521 -17.06 -2.08 -0.68
CA CYS B 521 -15.64 -2.41 -0.72
C CYS B 521 -15.45 -3.83 -0.21
N TYR B 522 -14.49 -4.56 -0.80
CA TYR B 522 -14.38 -6.01 -0.63
C TYR B 522 -12.94 -6.46 -0.88
N MET B 523 -12.49 -7.48 -0.13
CA MET B 523 -11.16 -8.02 -0.37
C MET B 523 -11.15 -9.52 -0.06
N LYS B 524 -10.22 -10.24 -0.69
CA LYS B 524 -10.09 -11.68 -0.50
C LYS B 524 -8.66 -12.15 -0.78
N LEU B 525 -8.30 -13.27 -0.13
CA LEU B 525 -7.05 -13.99 -0.35
C LEU B 525 -7.39 -15.42 -0.78
N VAL B 526 -6.87 -15.85 -1.93
CA VAL B 526 -7.11 -17.18 -2.49
C VAL B 526 -5.87 -18.01 -2.17
N CYS B 527 -6.02 -19.09 -1.39
CA CYS B 527 -4.89 -19.81 -0.81
C CYS B 527 -4.91 -21.30 -1.13
N ARG B 528 -3.73 -21.93 -1.15
CA ARG B 528 -3.57 -23.36 -1.40
C ARG B 528 -3.35 -24.12 -0.10
N LYS B 529 -4.30 -24.97 0.25
CA LYS B 529 -4.26 -25.66 1.55
C LYS B 529 -3.03 -26.55 1.67
N SER B 530 -2.75 -27.36 0.65
CA SER B 530 -1.70 -28.37 0.75
C SER B 530 -0.29 -27.78 0.63
N ASP B 531 -0.17 -26.46 0.48
CA ASP B 531 1.14 -25.82 0.45
C ASP B 531 1.21 -24.74 1.55
N ASN B 532 0.94 -25.15 2.79
CA ASN B 532 1.07 -24.27 3.96
C ASN B 532 0.19 -23.02 3.83
N MET B 533 -0.93 -23.14 3.11
CA MET B 533 -1.88 -22.05 2.90
C MET B 533 -1.21 -20.88 2.16
N ARG B 534 -0.38 -21.23 1.16
CA ARG B 534 0.26 -20.25 0.28
C ARG B 534 -0.76 -19.29 -0.32
N VAL B 535 -0.42 -18.00 -0.37
CA VAL B 535 -1.30 -17.01 -1.00
C VAL B 535 -1.09 -17.08 -2.51
N LEU B 536 -2.08 -17.60 -3.24
CA LEU B 536 -2.02 -17.70 -4.68
C LEU B 536 -2.47 -16.42 -5.37
N GLY B 537 -3.43 -15.72 -4.78
CA GLY B 537 -3.95 -14.48 -5.35
C GLY B 537 -4.51 -13.54 -4.32
N LEU B 538 -4.32 -12.23 -4.52
CA LEU B 538 -4.82 -11.19 -3.64
C LEU B 538 -5.69 -10.24 -4.46
N HIS B 539 -6.85 -9.83 -3.91
CA HIS B 539 -7.81 -9.01 -4.65
C HIS B 539 -8.43 -7.95 -3.73
N VAL B 540 -8.50 -6.69 -4.19
CA VAL B 540 -9.11 -5.63 -3.35
C VAL B 540 -9.86 -4.62 -4.23
N LEU B 541 -11.09 -4.33 -3.84
CA LEU B 541 -11.95 -3.32 -4.47
C LEU B 541 -12.15 -2.19 -3.46
N GLY B 542 -11.66 -0.99 -3.76
CA GLY B 542 -11.76 0.10 -2.83
C GLY B 542 -10.91 1.31 -3.23
N PRO B 543 -10.96 2.38 -2.44
CA PRO B 543 -10.16 3.57 -2.79
C PRO B 543 -8.67 3.26 -2.70
N ASN B 544 -7.89 3.92 -3.56
CA ASN B 544 -6.41 3.86 -3.55
C ASN B 544 -5.89 2.42 -3.69
N ALA B 545 -6.60 1.62 -4.51
CA ALA B 545 -6.31 0.17 -4.58
C ALA B 545 -4.91 -0.13 -5.09
N GLY B 546 -4.35 0.71 -5.97
CA GLY B 546 -2.98 0.49 -6.40
C GLY B 546 -1.96 0.71 -5.29
N GLU B 547 -2.17 1.75 -4.47
CA GLU B 547 -1.30 1.95 -3.32
C GLU B 547 -1.42 0.80 -2.32
N ILE B 548 -2.64 0.29 -2.12
CA ILE B 548 -2.83 -0.84 -1.20
C ILE B 548 -2.07 -2.07 -1.71
N THR B 549 -2.22 -2.38 -2.99
CA THR B 549 -1.78 -3.67 -3.54
C THR B 549 -0.25 -3.74 -3.67
N GLN B 550 0.41 -2.62 -4.00
CA GLN B 550 1.83 -2.68 -4.42
C GLN B 550 2.71 -3.42 -3.42
N GLY B 551 2.65 -3.03 -2.14
CA GLY B 551 3.56 -3.63 -1.17
C GLY B 551 3.36 -5.13 -1.01
N TYR B 552 2.12 -5.61 -1.11
CA TYR B 552 1.88 -7.04 -0.97
C TYR B 552 2.48 -7.83 -2.13
N ALA B 553 2.72 -7.18 -3.29
CA ALA B 553 3.34 -7.88 -4.40
C ALA B 553 4.76 -8.34 -4.06
N VAL B 554 5.47 -7.61 -3.19
CA VAL B 554 6.78 -8.09 -2.75
C VAL B 554 6.62 -9.34 -1.89
N ALA B 555 5.66 -9.35 -0.97
CA ALA B 555 5.44 -10.53 -0.12
C ALA B 555 5.06 -11.75 -0.96
N ILE B 556 4.20 -11.59 -1.97
CA ILE B 556 3.79 -12.71 -2.82
C ILE B 556 4.98 -13.20 -3.66
N LYS B 557 5.81 -12.30 -4.16
CA LYS B 557 7.05 -12.71 -4.83
C LYS B 557 7.90 -13.62 -3.93
N MET B 558 7.89 -13.36 -2.63
CA MET B 558 8.70 -14.08 -1.65
C MET B 558 8.01 -15.35 -1.13
N GLY B 559 6.79 -15.64 -1.61
CA GLY B 559 6.06 -16.84 -1.22
C GLY B 559 5.24 -16.73 0.06
N ALA B 560 4.59 -15.59 0.28
CA ALA B 560 3.79 -15.38 1.49
C ALA B 560 2.72 -16.45 1.68
N THR B 561 2.51 -16.86 2.93
CA THR B 561 1.42 -17.71 3.38
C THR B 561 0.40 -16.90 4.17
N LYS B 562 -0.77 -17.50 4.43
CA LYS B 562 -1.73 -16.85 5.33
C LYS B 562 -1.11 -16.55 6.69
N ALA B 563 -0.25 -17.46 7.20
CA ALA B 563 0.39 -17.22 8.48
C ALA B 563 1.25 -15.98 8.45
N ASP B 564 1.87 -15.65 7.31
CA ASP B 564 2.65 -14.42 7.23
C ASP B 564 1.76 -13.18 7.34
N PHE B 565 0.57 -13.20 6.70
CA PHE B 565 -0.38 -12.10 6.87
C PHE B 565 -0.89 -12.00 8.32
N ASP B 566 -1.11 -13.14 8.98
CA ASP B 566 -1.65 -13.11 10.35
C ASP B 566 -0.63 -12.56 11.36
N ARG B 567 0.63 -12.95 11.24
CA ARG B 567 1.62 -12.51 12.23
C ARG B 567 2.04 -11.05 12.05
N THR B 568 1.84 -10.47 10.87
CA THR B 568 2.10 -9.06 10.61
C THR B 568 0.99 -8.21 11.21
N ILE B 569 1.34 -7.07 11.84
CA ILE B 569 0.36 -6.23 12.52
C ILE B 569 -0.14 -5.11 11.60
N GLY B 570 -1.41 -4.76 11.75
CA GLY B 570 -1.98 -3.70 10.93
C GLY B 570 -1.54 -2.29 11.35
N ILE B 571 -1.67 -1.35 10.40
CA ILE B 571 -1.58 0.08 10.63
C ILE B 571 -3.00 0.64 10.68
N HIS B 572 -3.35 1.36 11.76
CA HIS B 572 -4.71 1.84 12.01
C HIS B 572 -4.76 3.37 12.09
N PRO B 573 -5.75 4.04 11.46
CA PRO B 573 -6.83 3.47 10.62
C PRO B 573 -6.48 3.50 9.13
N THR B 574 -6.53 2.34 8.44
CA THR B 574 -6.31 2.27 7.00
C THR B 574 -7.28 1.24 6.42
N CYS B 575 -7.47 1.31 5.10
CA CYS B 575 -8.19 0.25 4.42
C CYS B 575 -7.34 -1.03 4.35
N SER B 576 -6.04 -0.85 4.11
CA SER B 576 -5.15 -1.99 3.88
C SER B 576 -5.04 -2.94 5.07
N GLU B 577 -5.15 -2.42 6.30
CA GLU B 577 -5.00 -3.29 7.47
C GLU B 577 -6.00 -4.43 7.51
N THR B 578 -7.14 -4.35 6.77
CA THR B 578 -8.11 -5.44 6.82
C THR B 578 -7.49 -6.76 6.34
N PHE B 579 -6.42 -6.70 5.53
CA PHE B 579 -5.72 -7.90 5.07
C PHE B 579 -5.01 -8.66 6.20
N THR B 580 -4.70 -7.99 7.32
CA THR B 580 -3.93 -8.59 8.39
C THR B 580 -4.78 -9.39 9.39
N THR B 581 -6.11 -9.29 9.32
CA THR B 581 -6.99 -9.96 10.28
C THR B 581 -8.11 -10.78 9.61
N LEU B 582 -7.95 -11.17 8.34
CA LEU B 582 -9.00 -11.93 7.69
C LEU B 582 -9.21 -13.28 8.37
N HIS B 583 -10.47 -13.73 8.44
CA HIS B 583 -10.73 -15.00 9.13
C HIS B 583 -11.97 -15.76 8.60
N VAL B 584 -12.92 -15.06 7.95
CA VAL B 584 -14.11 -15.73 7.38
C VAL B 584 -13.72 -16.45 6.10
N THR B 585 -14.03 -17.74 6.01
CA THR B 585 -13.79 -18.50 4.78
C THR B 585 -15.07 -18.60 3.97
N LYS B 586 -14.93 -18.78 2.65
CA LYS B 586 -16.11 -19.00 1.82
C LYS B 586 -16.75 -20.36 2.13
N LYS B 587 -15.94 -21.37 2.41
CA LYS B 587 -16.48 -22.70 2.71
C LYS B 587 -17.36 -22.69 3.96
N SER B 588 -17.07 -21.80 4.92
CA SER B 588 -17.87 -21.72 6.14
C SER B 588 -19.28 -21.21 5.90
N GLY B 589 -19.53 -20.49 4.82
CA GLY B 589 -20.84 -19.89 4.60
C GLY B 589 -21.16 -18.68 5.44
N VAL B 590 -20.24 -18.21 6.29
CA VAL B 590 -20.50 -17.06 7.15
C VAL B 590 -20.44 -15.77 6.33
N SER B 591 -21.32 -14.83 6.64
CA SER B 591 -21.41 -13.60 5.85
C SER B 591 -20.13 -12.79 5.97
N PRO B 592 -19.66 -12.16 4.88
CA PRO B 592 -18.49 -11.26 4.96
C PRO B 592 -18.80 -9.82 5.31
N ILE B 593 -20.06 -9.46 5.58
CA ILE B 593 -20.39 -8.04 5.80
C ILE B 593 -19.83 -7.54 7.12
N VAL B 594 -19.74 -6.22 7.23
CA VAL B 594 -19.06 -5.60 8.37
C VAL B 594 -19.95 -5.62 9.60
#